data_4GE1
#
_entry.id   4GE1
#
_cell.length_a   69.257
_cell.length_b   73.086
_cell.length_c   80.935
_cell.angle_alpha   90.000
_cell.angle_beta   91.450
_cell.angle_gamma   90.000
#
_symmetry.space_group_name_H-M   'P 1 21 1'
#
loop_
_entity.id
_entity.type
_entity.pdbx_description
1 polymer 'Biogenic amine-binding protein'
2 non-polymer 2-(1H-INDOL-3-YL)ETHANAMINE
3 non-polymer GLYCEROL
4 water water
#
_entity_poly.entity_id   1
_entity_poly.type   'polypeptide(L)'
_entity_poly.pdbx_seq_one_letter_code
;MASGCSTVDTVKDFNKDNFFTGSWYITHYKLGDSTLEVGDKNCTKFLHQKTADGKIKEVFSNYNPNAKTYSYDISFAKVS
DFDGNNGKYTAKNVIVEKDGRKIDERTLQVSYIDTDYSKYSVVHVCDPAAPDYYLYAVQSRTENVKEDVKSKVEAALGKV
GLKLSGLFDATTLGNKCQYDDETLQKLLKQSFPNYEK
;
_entity_poly.pdbx_strand_id   A,B,C,D
#
# COMPACT_ATOMS: atom_id res chain seq x y z
N SER A 3 5.34 13.46 -14.77
CA SER A 3 5.09 12.80 -13.49
C SER A 3 6.23 13.03 -12.50
N GLY A 4 5.90 12.99 -11.21
CA GLY A 4 6.88 13.03 -10.15
C GLY A 4 7.61 14.35 -9.93
N CYS A 5 8.56 14.32 -9.00
CA CYS A 5 9.43 15.46 -8.74
C CYS A 5 10.57 15.45 -9.74
N SER A 6 10.96 16.63 -10.21
CA SER A 6 12.10 16.74 -11.12
C SER A 6 13.37 16.31 -10.39
N THR A 7 14.31 15.74 -11.12
CA THR A 7 15.63 15.48 -10.58
C THR A 7 16.55 16.59 -11.05
N VAL A 8 17.29 17.18 -10.12
CA VAL A 8 18.22 18.26 -10.47
C VAL A 8 19.60 17.95 -9.94
N ASP A 9 20.62 18.39 -10.68
CA ASP A 9 22.00 18.25 -10.24
C ASP A 9 22.24 19.13 -9.02
N THR A 10 23.08 18.67 -8.10
CA THR A 10 23.27 19.29 -6.80
C THR A 10 24.74 19.54 -6.50
N VAL A 11 24.99 20.29 -5.42
CA VAL A 11 26.35 20.66 -5.02
C VAL A 11 27.18 19.43 -4.65
N LYS A 12 28.38 19.35 -5.21
CA LYS A 12 29.31 18.28 -4.86
C LYS A 12 30.09 18.63 -3.61
N ASP A 13 30.43 17.63 -2.82
CA ASP A 13 31.18 17.85 -1.58
C ASP A 13 30.47 18.86 -0.67
N PHE A 14 29.26 18.49 -0.24
CA PHE A 14 28.43 19.33 0.62
C PHE A 14 28.97 19.35 2.04
N ASN A 15 29.37 20.52 2.51
CA ASN A 15 29.86 20.68 3.88
C ASN A 15 28.71 20.95 4.85
N LYS A 16 28.20 19.90 5.45
CA LYS A 16 27.03 19.99 6.32
C LYS A 16 27.29 20.91 7.51
N ASP A 17 28.46 20.76 8.13
CA ASP A 17 28.81 21.55 9.29
C ASP A 17 28.69 23.04 9.02
N ASN A 18 29.16 23.48 7.85
CA ASN A 18 29.15 24.89 7.48
C ASN A 18 27.81 25.37 6.94
N PHE A 19 26.93 24.44 6.60
CA PHE A 19 25.65 24.82 6.02
C PHE A 19 24.55 24.86 7.07
N PHE A 20 24.41 23.78 7.82
CA PHE A 20 23.34 23.68 8.81
C PHE A 20 23.69 24.37 10.14
N THR A 21 23.89 25.67 10.06
CA THR A 21 24.09 26.49 11.25
C THR A 21 23.56 27.88 10.97
N GLY A 22 23.10 28.57 12.01
CA GLY A 22 22.53 29.89 11.83
C GLY A 22 21.21 29.81 11.10
N SER A 23 20.92 30.82 10.28
CA SER A 23 19.61 30.93 9.65
C SER A 23 19.68 31.41 8.19
N TRP A 24 18.54 31.32 7.50
CA TRP A 24 18.41 31.70 6.10
C TRP A 24 17.13 32.50 5.87
N TYR A 25 17.19 33.45 4.94
CA TYR A 25 16.00 34.16 4.49
C TYR A 25 15.68 33.71 3.06
N ILE A 26 14.42 33.43 2.80
CA ILE A 26 13.99 33.09 1.44
C ILE A 26 13.62 34.38 0.70
N THR A 27 14.47 34.76 -0.24
CA THR A 27 14.34 36.06 -0.89
C THR A 27 13.52 36.02 -2.18
N HIS A 28 13.65 34.94 -2.93
CA HIS A 28 12.98 34.79 -4.22
C HIS A 28 12.56 33.34 -4.38
N TYR A 29 11.46 33.11 -5.08
CA TYR A 29 11.03 31.73 -5.29
C TYR A 29 9.89 31.55 -6.28
N LYS A 30 9.91 30.40 -6.94
CA LYS A 30 8.80 29.96 -7.77
C LYS A 30 8.16 28.74 -7.12
N LEU A 31 6.88 28.86 -6.82
CA LEU A 31 6.09 27.78 -6.26
C LEU A 31 5.11 27.25 -7.32
N GLY A 32 5.32 26.03 -7.79
CA GLY A 32 4.42 25.42 -8.77
C GLY A 32 4.40 26.03 -10.17
N ASP A 33 3.45 25.59 -11.00
CA ASP A 33 3.32 26.10 -12.37
C ASP A 33 2.37 27.30 -12.53
N SER A 34 1.33 27.37 -11.70
CA SER A 34 0.34 28.44 -11.85
C SER A 34 0.84 29.77 -11.30
N THR A 35 0.26 30.87 -11.75
CA THR A 35 0.64 32.19 -11.24
C THR A 35 0.38 32.30 -9.73
N LEU A 36 1.26 32.99 -9.03
CA LEU A 36 1.21 33.03 -7.57
C LEU A 36 0.02 33.84 -7.05
N GLU A 37 -0.75 33.26 -6.12
CA GLU A 37 -1.80 33.97 -5.41
C GLU A 37 -1.24 34.61 -4.13
N VAL A 38 -1.87 35.71 -3.70
CA VAL A 38 -1.34 36.48 -2.58
C VAL A 38 -1.16 35.63 -1.30
N GLY A 39 -2.00 34.62 -1.14
CA GLY A 39 -1.90 33.69 -0.03
C GLY A 39 -0.57 32.94 0.01
N ASP A 40 0.07 32.80 -1.14
CA ASP A 40 1.36 32.12 -1.19
C ASP A 40 2.52 33.09 -1.40
N LYS A 41 2.25 34.37 -1.14
CA LYS A 41 3.32 35.37 -1.13
C LYS A 41 3.75 35.63 0.32
N ASN A 42 4.84 35.00 0.73
CA ASN A 42 5.28 35.03 2.14
C ASN A 42 6.73 35.49 2.39
N CYS A 43 7.00 35.88 3.63
CA CYS A 43 8.34 36.17 4.12
C CYS A 43 8.75 34.99 4.98
N THR A 44 9.74 34.23 4.53
CA THR A 44 10.16 33.06 5.27
C THR A 44 11.58 33.20 5.80
N LYS A 45 11.75 32.90 7.08
CA LYS A 45 13.07 32.80 7.67
C LYS A 45 13.12 31.42 8.32
N PHE A 46 14.26 30.76 8.22
CA PHE A 46 14.39 29.51 8.94
C PHE A 46 15.69 29.36 9.72
N LEU A 47 15.61 28.55 10.77
CA LEU A 47 16.73 28.35 11.68
C LEU A 47 17.06 26.88 11.69
N HIS A 48 18.33 26.52 11.57
CA HIS A 48 18.63 25.11 11.59
C HIS A 48 19.94 24.69 12.25
N GLN A 49 20.03 23.41 12.59
CA GLN A 49 21.20 22.89 13.30
C GLN A 49 21.45 21.44 12.95
N LYS A 50 22.70 21.04 13.09
CA LYS A 50 23.11 19.65 13.04
C LYS A 50 23.78 19.34 14.37
N THR A 51 23.24 18.38 15.12
CA THR A 51 23.85 18.00 16.39
C THR A 51 24.72 16.76 16.26
N ALA A 52 25.48 16.47 17.32
CA ALA A 52 26.47 15.40 17.26
C ALA A 52 25.86 14.03 17.05
N ASP A 53 24.61 13.88 17.50
CA ASP A 53 23.89 12.62 17.28
C ASP A 53 23.58 12.42 15.79
N GLY A 54 23.92 13.43 14.98
CA GLY A 54 23.71 13.35 13.55
C GLY A 54 22.34 13.80 13.06
N LYS A 55 21.55 14.37 13.95
CA LYS A 55 20.23 14.89 13.59
C LYS A 55 20.33 16.27 12.97
N ILE A 56 19.57 16.50 11.89
CA ILE A 56 19.43 17.84 11.34
C ILE A 56 18.00 18.31 11.57
N LYS A 57 17.85 19.55 12.02
CA LYS A 57 16.54 20.07 12.37
C LYS A 57 16.41 21.45 11.78
N GLU A 58 15.28 21.72 11.12
CA GLU A 58 15.12 23.00 10.43
C GLU A 58 13.73 23.57 10.70
N VAL A 59 13.70 24.75 11.32
CA VAL A 59 12.44 25.33 11.74
C VAL A 59 12.11 26.58 10.93
N PHE A 60 10.92 26.58 10.31
CA PHE A 60 10.52 27.65 9.40
C PHE A 60 9.44 28.55 10.00
N SER A 61 9.63 29.86 9.87
CA SER A 61 8.59 30.83 10.14
C SER A 61 8.12 31.44 8.81
N ASN A 62 6.86 31.19 8.43
CA ASN A 62 6.33 31.77 7.21
C ASN A 62 5.28 32.80 7.52
N TYR A 63 5.56 34.05 7.16
CA TYR A 63 4.65 35.15 7.45
C TYR A 63 4.01 35.69 6.18
N ASN A 64 2.67 35.72 6.18
CA ASN A 64 1.91 36.30 5.06
C ASN A 64 1.41 37.71 5.41
N PRO A 65 2.05 38.74 4.83
CA PRO A 65 1.68 40.14 5.11
C PRO A 65 0.22 40.49 4.74
N ASN A 66 -0.31 39.94 3.66
CA ASN A 66 -1.69 40.26 3.29
C ASN A 66 -2.68 39.85 4.38
N ALA A 67 -2.46 38.67 4.97
CA ALA A 67 -3.34 38.17 6.02
C ALA A 67 -2.78 38.46 7.41
N LYS A 68 -1.53 38.91 7.45
CA LYS A 68 -0.85 39.16 8.72
C LYS A 68 -0.90 37.90 9.59
N THR A 69 -0.51 36.78 9.01
CA THR A 69 -0.53 35.53 9.76
C THR A 69 0.75 34.74 9.54
N TYR A 70 1.04 33.88 10.51
CA TYR A 70 2.22 33.04 10.48
C TYR A 70 1.82 31.61 10.26
N SER A 71 2.66 30.86 9.56
CA SER A 71 2.58 29.41 9.58
C SER A 71 3.97 28.87 9.88
N TYR A 72 4.03 27.70 10.49
CA TYR A 72 5.30 27.12 10.91
C TYR A 72 5.42 25.69 10.43
N ASP A 73 6.63 25.28 10.10
CA ASP A 73 6.91 23.88 9.77
C ASP A 73 8.33 23.51 10.16
N ILE A 74 8.58 22.22 10.29
CA ILE A 74 9.89 21.76 10.74
C ILE A 74 10.34 20.56 9.93
N SER A 75 11.57 20.63 9.44
CA SER A 75 12.16 19.48 8.76
C SER A 75 13.07 18.72 9.69
N PHE A 76 12.88 17.40 9.72
CA PHE A 76 13.75 16.52 10.49
C PHE A 76 14.46 15.58 9.53
N ALA A 77 15.78 15.48 9.66
CA ALA A 77 16.55 14.54 8.86
C ALA A 77 17.72 14.02 9.67
N LYS A 78 18.43 13.07 9.09
CA LYS A 78 19.65 12.54 9.67
C LYS A 78 20.71 12.52 8.60
N VAL A 79 21.96 12.53 9.04
CA VAL A 79 23.10 12.55 8.13
C VAL A 79 23.06 11.39 7.14
N SER A 80 22.45 10.28 7.54
CA SER A 80 22.41 9.10 6.69
C SER A 80 21.28 9.18 5.67
N ASP A 81 20.58 10.31 5.65
CA ASP A 81 19.53 10.58 4.66
C ASP A 81 20.07 11.37 3.47
N PHE A 82 21.37 11.68 3.52
CA PHE A 82 22.02 12.43 2.45
C PHE A 82 22.59 11.51 1.38
N ASP A 83 22.69 12.05 0.17
CA ASP A 83 23.14 11.28 -0.98
C ASP A 83 24.65 11.38 -1.15
N GLY A 84 25.38 10.52 -0.44
CA GLY A 84 26.83 10.56 -0.50
C GLY A 84 27.35 11.92 -0.06
N ASN A 85 28.18 12.52 -0.89
CA ASN A 85 28.79 13.82 -0.57
C ASN A 85 28.02 15.01 -1.14
N ASN A 86 26.90 14.75 -1.79
CA ASN A 86 26.15 15.81 -2.46
C ASN A 86 25.17 16.55 -1.56
N GLY A 87 24.76 17.73 -2.00
CA GLY A 87 23.79 18.53 -1.28
C GLY A 87 22.38 18.07 -1.58
N LYS A 88 22.07 16.83 -1.24
CA LYS A 88 20.79 16.23 -1.56
C LYS A 88 20.34 15.27 -0.47
N TYR A 89 19.10 15.44 -0.01
CA TYR A 89 18.61 14.61 1.07
C TYR A 89 17.09 14.58 1.09
N THR A 90 16.57 13.63 1.86
CA THR A 90 15.14 13.56 2.11
C THR A 90 14.87 13.92 3.57
N ALA A 91 13.77 14.62 3.80
CA ALA A 91 13.40 15.02 5.14
C ALA A 91 11.93 14.74 5.37
N LYS A 92 11.58 14.49 6.61
CA LYS A 92 10.19 14.50 7.02
C LYS A 92 9.89 15.94 7.43
N ASN A 93 8.90 16.54 6.80
CA ASN A 93 8.54 17.90 7.15
C ASN A 93 7.15 17.94 7.78
N VAL A 94 7.08 18.56 8.95
CA VAL A 94 5.86 18.59 9.74
C VAL A 94 5.34 20.01 9.85
N ILE A 95 4.10 20.22 9.42
CA ILE A 95 3.46 21.52 9.56
C ILE A 95 2.92 21.55 10.99
N VAL A 96 3.29 22.57 11.74
CA VAL A 96 2.92 22.63 13.15
C VAL A 96 2.32 23.97 13.60
N GLU A 97 1.56 23.92 14.69
CA GLU A 97 1.11 25.12 15.39
C GLU A 97 2.31 25.79 16.06
N LYS A 98 2.10 27.01 16.53
CA LYS A 98 3.14 27.78 17.20
C LYS A 98 3.77 26.99 18.34
N ASP A 99 2.96 26.18 19.02
CA ASP A 99 3.43 25.41 20.17
C ASP A 99 4.01 24.04 19.80
N GLY A 100 4.08 23.76 18.49
CA GLY A 100 4.67 22.52 18.01
C GLY A 100 3.69 21.40 17.72
N ARG A 101 2.43 21.56 18.11
CA ARG A 101 1.41 20.56 17.80
C ARG A 101 1.33 20.27 16.29
N LYS A 102 1.32 19.00 15.93
CA LYS A 102 1.31 18.61 14.52
C LYS A 102 -0.04 18.91 13.86
N ILE A 103 0.01 19.65 12.74
CA ILE A 103 -1.15 19.84 11.88
C ILE A 103 -1.17 18.80 10.75
N ASP A 104 -0.02 18.62 10.10
CA ASP A 104 0.13 17.69 8.97
C ASP A 104 1.61 17.39 8.78
N GLU A 105 1.91 16.34 8.00
CA GLU A 105 3.28 15.93 7.73
C GLU A 105 3.45 15.42 6.29
N ARG A 106 4.67 15.50 5.77
CA ARG A 106 4.95 15.08 4.41
C ARG A 106 6.44 14.78 4.26
N THR A 107 6.76 14.13 3.15
CA THR A 107 8.15 13.87 2.80
C THR A 107 8.60 14.88 1.76
N LEU A 108 9.77 15.47 1.96
CA LEU A 108 10.32 16.43 1.02
C LEU A 108 11.68 16.00 0.51
N GLN A 109 11.83 15.94 -0.81
CA GLN A 109 13.14 15.70 -1.40
C GLN A 109 13.82 17.04 -1.64
N VAL A 110 14.98 17.25 -1.00
CA VAL A 110 15.67 18.52 -1.07
C VAL A 110 16.92 18.41 -1.95
N SER A 111 17.09 19.36 -2.86
CA SER A 111 18.27 19.35 -3.72
C SER A 111 18.92 20.72 -3.80
N TYR A 112 20.07 20.87 -3.16
CA TYR A 112 20.81 22.13 -3.26
C TYR A 112 21.60 22.22 -4.57
N ILE A 113 21.15 23.14 -5.41
CA ILE A 113 21.74 23.41 -6.70
C ILE A 113 23.11 24.09 -6.57
N ASP A 114 23.21 24.99 -5.59
CA ASP A 114 24.45 25.73 -5.34
C ASP A 114 24.39 26.48 -3.99
N THR A 115 25.57 26.78 -3.44
CA THR A 115 25.67 27.58 -2.21
C THR A 115 27.12 27.94 -1.93
N ASP A 116 27.33 29.10 -1.32
CA ASP A 116 28.67 29.47 -0.87
C ASP A 116 28.72 29.43 0.65
N TYR A 117 27.65 28.88 1.24
CA TYR A 117 27.58 28.64 2.68
C TYR A 117 27.34 29.89 3.55
N SER A 118 28.06 30.97 3.26
CA SER A 118 28.02 32.15 4.13
C SER A 118 27.23 33.34 3.54
N LYS A 119 26.62 33.13 2.37
CA LYS A 119 25.83 34.20 1.75
C LYS A 119 24.53 33.71 1.14
N TYR A 120 24.62 32.74 0.22
CA TYR A 120 23.47 32.33 -0.56
C TYR A 120 23.40 30.82 -0.77
N SER A 121 22.19 30.33 -1.03
CA SER A 121 21.99 28.97 -1.49
C SER A 121 20.80 28.94 -2.43
N VAL A 122 20.82 28.01 -3.37
CA VAL A 122 19.71 27.86 -4.31
C VAL A 122 19.19 26.43 -4.21
N VAL A 123 17.88 26.27 -4.03
CA VAL A 123 17.35 24.98 -3.68
C VAL A 123 16.13 24.59 -4.51
N HIS A 124 15.95 23.29 -4.71
CA HIS A 124 14.72 22.76 -5.26
C HIS A 124 14.13 21.81 -4.23
N VAL A 125 12.88 22.08 -3.83
CA VAL A 125 12.18 21.25 -2.86
C VAL A 125 10.90 20.69 -3.47
N CYS A 126 10.66 19.40 -3.26
CA CYS A 126 9.49 18.78 -3.87
C CYS A 126 8.93 17.62 -3.06
N ASP A 127 7.62 17.47 -3.09
CA ASP A 127 6.94 16.41 -2.36
C ASP A 127 6.47 15.34 -3.34
N PRO A 128 6.99 14.12 -3.19
CA PRO A 128 6.69 12.99 -4.08
C PRO A 128 5.20 12.67 -4.09
N ALA A 129 4.50 13.03 -3.02
CA ALA A 129 3.06 12.79 -2.93
C ALA A 129 2.28 13.98 -3.45
N ALA A 130 2.97 15.08 -3.72
CA ALA A 130 2.33 16.28 -4.25
C ALA A 130 3.28 17.03 -5.18
N PRO A 131 3.67 16.37 -6.28
CA PRO A 131 4.66 16.90 -7.23
C PRO A 131 4.26 18.24 -7.82
N ASP A 132 2.95 18.50 -7.89
CA ASP A 132 2.45 19.78 -8.35
C ASP A 132 2.92 20.90 -7.43
N TYR A 133 3.16 20.56 -6.16
CA TYR A 133 3.83 21.45 -5.23
C TYR A 133 5.34 21.26 -5.37
N TYR A 134 5.97 22.09 -6.18
CA TYR A 134 7.42 22.12 -6.20
C TYR A 134 7.88 23.54 -5.95
N LEU A 135 9.06 23.65 -5.36
CA LEU A 135 9.58 24.94 -5.02
C LEU A 135 11.01 25.11 -5.51
N TYR A 136 11.25 26.20 -6.22
CA TYR A 136 12.61 26.67 -6.49
C TYR A 136 12.83 27.93 -5.67
N ALA A 137 13.85 27.93 -4.83
CA ALA A 137 14.06 29.06 -3.91
C ALA A 137 15.48 29.60 -3.88
N VAL A 138 15.58 30.93 -3.91
CA VAL A 138 16.82 31.62 -3.60
C VAL A 138 16.83 32.01 -2.11
N GLN A 139 17.94 31.71 -1.44
CA GLN A 139 18.05 31.90 0.01
C GLN A 139 19.31 32.67 0.36
N SER A 140 19.20 33.54 1.36
CA SER A 140 20.29 34.42 1.73
C SER A 140 20.52 34.39 3.24
N ARG A 141 21.74 34.68 3.66
CA ARG A 141 22.04 34.78 5.08
C ARG A 141 21.52 36.11 5.61
N THR A 142 21.28 37.05 4.70
CA THR A 142 20.66 38.33 5.05
C THR A 142 19.31 38.47 4.35
N GLU A 143 18.58 39.51 4.67
CA GLU A 143 17.22 39.69 4.17
C GLU A 143 17.19 39.93 2.66
N ASN A 144 18.27 40.50 2.14
CA ASN A 144 18.41 40.72 0.70
C ASN A 144 19.61 39.95 0.18
N VAL A 145 19.63 39.64 -1.12
CA VAL A 145 20.80 38.96 -1.69
C VAL A 145 21.95 39.97 -1.79
N LYS A 146 23.10 39.60 -1.25
CA LYS A 146 24.29 40.46 -1.37
C LYS A 146 24.57 40.77 -2.83
N GLU A 147 24.74 42.05 -3.13
CA GLU A 147 24.93 42.50 -4.50
C GLU A 147 26.04 41.74 -5.24
N ASP A 148 27.11 41.39 -4.52
CA ASP A 148 28.28 40.78 -5.15
C ASP A 148 28.14 39.30 -5.48
N VAL A 149 27.01 38.70 -5.12
CA VAL A 149 26.75 37.30 -5.45
C VAL A 149 25.54 37.12 -6.35
N LYS A 150 24.95 38.24 -6.78
CA LYS A 150 23.82 38.17 -7.70
C LYS A 150 24.14 37.29 -8.91
N SER A 151 25.32 37.50 -9.49
CA SER A 151 25.71 36.75 -10.69
C SER A 151 25.76 35.25 -10.43
N LYS A 152 26.36 34.86 -9.30
CA LYS A 152 26.42 33.45 -8.92
C LYS A 152 25.03 32.82 -8.78
N VAL A 153 24.08 33.58 -8.23
CA VAL A 153 22.71 33.10 -8.09
C VAL A 153 22.03 32.95 -9.45
N GLU A 154 22.27 33.91 -10.32
CA GLU A 154 21.69 33.91 -11.66
C GLU A 154 22.12 32.66 -12.42
N ALA A 155 23.40 32.35 -12.32
CA ALA A 155 23.96 31.17 -12.98
C ALA A 155 23.31 29.90 -12.44
N ALA A 156 23.28 29.76 -11.12
CA ALA A 156 22.67 28.60 -10.50
C ALA A 156 21.25 28.38 -11.00
N LEU A 157 20.48 29.47 -11.11
CA LEU A 157 19.11 29.38 -11.61
C LEU A 157 19.13 29.03 -13.09
N GLY A 158 20.24 29.34 -13.75
CA GLY A 158 20.41 29.00 -15.15
C GLY A 158 20.36 27.50 -15.37
N LYS A 159 21.08 26.76 -14.54
CA LYS A 159 21.12 25.31 -14.64
C LYS A 159 19.73 24.70 -14.75
N VAL A 160 18.76 25.32 -14.08
CA VAL A 160 17.43 24.72 -13.98
C VAL A 160 16.38 25.46 -14.78
N GLY A 161 16.84 26.18 -15.80
CA GLY A 161 15.95 26.83 -16.75
C GLY A 161 15.22 28.03 -16.20
N LEU A 162 15.82 28.69 -15.22
CA LEU A 162 15.15 29.83 -14.58
C LEU A 162 15.98 31.11 -14.59
N LYS A 163 15.28 32.23 -14.44
CA LYS A 163 15.93 33.52 -14.31
C LYS A 163 15.35 34.24 -13.10
N LEU A 164 16.19 34.96 -12.38
CA LEU A 164 15.76 35.65 -11.16
C LEU A 164 14.44 36.38 -11.38
N SER A 165 14.37 37.19 -12.44
CA SER A 165 13.16 37.95 -12.76
C SER A 165 11.99 37.02 -13.06
N GLY A 166 12.27 35.72 -13.18
CA GLY A 166 11.24 34.70 -13.33
C GLY A 166 10.65 34.18 -12.03
N LEU A 167 11.20 34.61 -10.89
CA LEU A 167 10.65 34.20 -9.60
C LEU A 167 9.88 35.34 -8.97
N PHE A 168 9.01 35.01 -8.02
CA PHE A 168 8.45 36.03 -7.14
C PHE A 168 9.54 36.59 -6.24
N ASP A 169 9.70 37.91 -6.26
CA ASP A 169 10.69 38.59 -5.43
C ASP A 169 10.07 38.98 -4.09
N ALA A 170 10.35 38.18 -3.07
CA ALA A 170 9.74 38.37 -1.76
C ALA A 170 10.22 39.66 -1.11
N THR A 171 11.34 40.19 -1.59
CA THR A 171 11.85 41.46 -1.08
C THR A 171 11.02 42.64 -1.60
N THR A 172 9.91 42.34 -2.27
CA THR A 172 8.94 43.37 -2.65
C THR A 172 7.94 43.59 -1.52
N LEU A 173 7.65 42.51 -0.79
CA LEU A 173 6.85 42.65 0.42
C LEU A 173 7.62 43.58 1.35
N GLY A 174 8.92 43.33 1.45
CA GLY A 174 9.86 44.23 2.13
C GLY A 174 9.40 44.82 3.45
N ASN A 175 8.88 46.04 3.40
CA ASN A 175 8.53 46.79 4.60
C ASN A 175 7.61 46.06 5.57
N LYS A 176 6.73 45.22 5.02
CA LYS A 176 5.73 44.55 5.85
C LYS A 176 6.21 43.18 6.33
N CYS A 177 7.47 42.85 6.07
CA CYS A 177 7.97 41.52 6.39
C CYS A 177 8.25 41.38 7.88
N GLN A 178 7.89 40.23 8.44
CA GLN A 178 8.34 39.93 9.79
C GLN A 178 8.58 38.43 10.01
N TYR A 179 9.31 38.12 11.07
CA TYR A 179 9.82 36.78 11.30
C TYR A 179 9.67 36.46 12.78
N ASP A 180 9.13 35.29 13.09
CA ASP A 180 8.88 34.93 14.48
C ASP A 180 10.14 34.27 15.08
N ASP A 181 11.16 35.08 15.31
CA ASP A 181 12.42 34.62 15.87
C ASP A 181 12.26 33.85 17.19
N GLU A 182 11.33 34.28 18.04
CA GLU A 182 11.22 33.63 19.34
C GLU A 182 10.62 32.23 19.19
N THR A 183 9.67 32.07 18.27
CA THR A 183 9.10 30.75 18.02
C THR A 183 10.14 29.85 17.35
N LEU A 184 10.94 30.44 16.47
CA LEU A 184 11.99 29.71 15.79
C LEU A 184 12.93 29.09 16.83
N GLN A 185 13.44 29.92 17.74
CA GLN A 185 14.37 29.47 18.77
C GLN A 185 13.71 28.42 19.68
N LYS A 186 12.49 28.70 20.11
CA LYS A 186 11.76 27.79 20.98
C LYS A 186 11.51 26.41 20.35
N LEU A 187 11.02 26.37 19.11
CA LEU A 187 10.73 25.09 18.49
C LEU A 187 12.01 24.30 18.19
N LEU A 188 13.08 25.02 17.88
CA LEU A 188 14.35 24.36 17.60
C LEU A 188 14.83 23.58 18.82
N LYS A 189 14.59 24.12 20.01
CA LYS A 189 15.06 23.46 21.23
C LYS A 189 14.05 22.46 21.78
N GLN A 190 12.78 22.63 21.41
CA GLN A 190 11.69 21.75 21.84
C GLN A 190 11.88 20.30 21.40
N SER A 191 11.47 19.35 22.25
CA SER A 191 11.57 17.94 21.90
C SER A 191 10.39 17.46 21.06
N PHE A 192 10.67 16.65 20.04
CA PHE A 192 9.62 16.03 19.22
C PHE A 192 9.91 14.55 19.08
N PRO A 193 9.58 13.77 20.12
CA PRO A 193 9.95 12.34 20.13
C PRO A 193 9.37 11.53 18.97
N ASN A 194 8.31 12.02 18.35
CA ASN A 194 7.66 11.27 17.28
C ASN A 194 8.34 11.39 15.93
N TYR A 195 9.28 12.34 15.82
CA TYR A 195 9.98 12.59 14.56
C TYR A 195 11.49 12.56 14.77
N GLU A 196 11.90 12.71 16.03
CA GLU A 196 13.31 12.68 16.38
C GLU A 196 13.77 11.27 16.70
N LYS A 197 13.41 10.35 15.82
CA LYS A 197 13.71 8.94 16.00
C LYS A 197 14.04 8.29 14.66
N SER B 3 -1.30 12.64 6.01
CA SER B 3 -2.10 13.22 7.10
C SER B 3 -1.75 12.64 8.46
N GLY B 4 -1.12 11.46 8.48
CA GLY B 4 -0.75 10.81 9.74
C GLY B 4 -1.91 10.07 10.38
N CYS B 5 -1.99 10.11 11.70
CA CYS B 5 -3.13 9.53 12.42
C CYS B 5 -4.41 10.33 12.12
N SER B 6 -5.45 9.63 11.68
CA SER B 6 -6.75 10.24 11.43
C SER B 6 -7.43 10.71 12.71
N THR B 7 -8.10 11.84 12.65
CA THR B 7 -8.93 12.30 13.77
C THR B 7 -10.35 11.81 13.59
N VAL B 8 -10.85 11.06 14.57
CA VAL B 8 -12.21 10.56 14.52
C VAL B 8 -13.05 11.06 15.70
N ASP B 9 -14.29 11.47 15.41
CA ASP B 9 -15.20 11.97 16.43
C ASP B 9 -15.49 10.85 17.42
N THR B 10 -15.62 11.22 18.69
CA THR B 10 -15.72 10.25 19.76
C THR B 10 -16.92 10.49 20.67
N VAL B 11 -17.25 9.48 21.48
CA VAL B 11 -18.35 9.55 22.43
C VAL B 11 -18.39 10.89 23.17
N LYS B 12 -19.60 11.37 23.46
CA LYS B 12 -19.81 12.68 24.06
C LYS B 12 -19.44 12.76 25.55
N ASP B 13 -20.17 12.03 26.38
CA ASP B 13 -19.91 12.05 27.82
C ASP B 13 -19.42 10.69 28.29
N PHE B 14 -18.21 10.35 27.90
CA PHE B 14 -17.63 9.06 28.19
C PHE B 14 -17.49 8.84 29.70
N ASN B 15 -18.29 7.92 30.24
CA ASN B 15 -18.19 7.56 31.64
C ASN B 15 -17.11 6.53 31.88
N LYS B 16 -15.98 6.99 32.43
CA LYS B 16 -14.80 6.15 32.59
C LYS B 16 -15.00 5.01 33.61
N ASP B 17 -15.94 5.18 34.53
CA ASP B 17 -16.18 4.19 35.56
C ASP B 17 -16.90 2.94 35.03
N ASN B 18 -17.97 3.16 34.27
CA ASN B 18 -18.71 2.05 33.69
C ASN B 18 -17.91 1.28 32.64
N PHE B 19 -17.01 1.96 31.94
CA PHE B 19 -16.27 1.34 30.84
C PHE B 19 -15.05 0.53 31.28
N PHE B 20 -14.17 1.16 32.05
CA PHE B 20 -12.91 0.52 32.43
C PHE B 20 -13.08 -0.50 33.56
N THR B 21 -13.65 -1.65 33.23
CA THR B 21 -13.82 -2.74 34.17
C THR B 21 -14.05 -4.04 33.41
N GLY B 22 -13.76 -5.17 34.04
CA GLY B 22 -13.94 -6.47 33.41
C GLY B 22 -13.06 -6.68 32.20
N SER B 23 -13.49 -7.57 31.31
CA SER B 23 -12.71 -7.97 30.15
C SER B 23 -13.38 -7.60 28.83
N TRP B 24 -12.59 -7.64 27.75
CA TRP B 24 -13.11 -7.39 26.41
C TRP B 24 -12.49 -8.36 25.41
N TYR B 25 -13.29 -8.77 24.42
CA TYR B 25 -12.76 -9.55 23.31
C TYR B 25 -12.74 -8.68 22.06
N ILE B 26 -11.71 -8.81 21.24
CA ILE B 26 -11.70 -8.13 19.96
C ILE B 26 -12.23 -9.06 18.86
N THR B 27 -13.47 -8.83 18.44
CA THR B 27 -14.15 -9.74 17.53
C THR B 27 -13.88 -9.44 16.05
N HIS B 28 -13.75 -8.17 15.69
CA HIS B 28 -13.44 -7.81 14.31
C HIS B 28 -12.48 -6.63 14.31
N TYR B 29 -11.58 -6.60 13.33
CA TYR B 29 -10.71 -5.44 13.21
C TYR B 29 -10.12 -5.29 11.83
N LYS B 30 -9.69 -4.07 11.55
CA LYS B 30 -8.92 -3.78 10.35
C LYS B 30 -7.61 -3.17 10.81
N LEU B 31 -6.50 -3.70 10.29
CA LEU B 31 -5.19 -3.23 10.68
C LEU B 31 -4.41 -2.74 9.46
N GLY B 32 -4.14 -1.44 9.43
CA GLY B 32 -3.39 -0.85 8.34
C GLY B 32 -4.11 -0.85 7.01
N ASP B 33 -3.41 -0.37 5.98
CA ASP B 33 -3.98 -0.15 4.65
C ASP B 33 -3.96 -1.38 3.75
N SER B 34 -3.09 -2.34 4.04
CA SER B 34 -2.92 -3.50 3.16
C SER B 34 -3.81 -4.67 3.56
N THR B 35 -3.86 -5.67 2.69
CA THR B 35 -4.58 -6.90 3.00
C THR B 35 -3.90 -7.64 4.16
N LEU B 36 -4.71 -8.16 5.07
CA LEU B 36 -4.20 -8.73 6.31
C LEU B 36 -3.46 -10.05 6.07
N GLU B 37 -2.20 -10.11 6.51
CA GLU B 37 -1.43 -11.33 6.42
C GLU B 37 -1.77 -12.25 7.58
N VAL B 38 -1.49 -13.54 7.45
CA VAL B 38 -1.88 -14.48 8.50
C VAL B 38 -1.19 -14.19 9.84
N GLY B 39 0.00 -13.62 9.79
CA GLY B 39 0.72 -13.29 11.01
C GLY B 39 0.05 -12.18 11.79
N ASP B 40 -0.94 -11.52 11.18
CA ASP B 40 -1.63 -10.41 11.82
C ASP B 40 -3.07 -10.76 12.12
N LYS B 41 -3.40 -12.04 11.98
CA LYS B 41 -4.74 -12.52 12.35
C LYS B 41 -4.71 -13.18 13.73
N ASN B 42 -5.21 -12.45 14.73
CA ASN B 42 -5.01 -12.82 16.13
C ASN B 42 -6.30 -12.89 16.93
N CYS B 43 -6.27 -13.71 17.98
CA CYS B 43 -7.33 -13.72 19.00
C CYS B 43 -6.88 -12.87 20.17
N THR B 44 -7.62 -11.80 20.45
CA THR B 44 -7.27 -10.88 21.53
C THR B 44 -8.37 -10.71 22.57
N LYS B 45 -7.96 -10.76 23.83
CA LYS B 45 -8.84 -10.46 24.97
C LYS B 45 -8.06 -9.54 25.89
N PHE B 46 -8.72 -8.53 26.45
CA PHE B 46 -8.03 -7.67 27.40
C PHE B 46 -8.73 -7.40 28.73
N LEU B 47 -7.90 -7.20 29.75
CA LEU B 47 -8.33 -7.02 31.11
C LEU B 47 -7.92 -5.61 31.51
N HIS B 48 -8.85 -4.80 32.00
CA HIS B 48 -8.48 -3.46 32.42
C HIS B 48 -9.23 -2.93 33.63
N GLN B 49 -8.74 -1.82 34.18
CA GLN B 49 -9.26 -1.28 35.43
C GLN B 49 -8.93 0.21 35.53
N LYS B 50 -9.49 0.85 36.55
CA LYS B 50 -9.18 2.22 36.90
C LYS B 50 -9.11 2.33 38.42
N THR B 51 -7.94 2.66 38.95
CA THR B 51 -7.74 2.72 40.39
C THR B 51 -8.30 4.00 41.00
N ALA B 52 -8.41 4.02 42.32
CA ALA B 52 -8.93 5.18 43.03
C ALA B 52 -8.24 6.47 42.60
N ASP B 53 -6.92 6.42 42.45
CA ASP B 53 -6.18 7.63 42.11
C ASP B 53 -6.22 7.97 40.63
N GLY B 54 -7.10 7.30 39.89
CA GLY B 54 -7.35 7.65 38.50
C GLY B 54 -6.39 7.03 37.49
N LYS B 55 -5.66 6.01 37.89
CA LYS B 55 -4.75 5.32 36.98
C LYS B 55 -5.43 4.12 36.32
N ILE B 56 -5.23 3.98 35.02
CA ILE B 56 -5.88 2.94 34.23
C ILE B 56 -4.86 1.94 33.69
N LYS B 57 -5.13 0.66 33.93
CA LYS B 57 -4.24 -0.40 33.46
C LYS B 57 -4.98 -1.34 32.51
N GLU B 58 -4.46 -1.53 31.31
CA GLU B 58 -5.09 -2.42 30.34
C GLU B 58 -4.12 -3.49 29.87
N VAL B 59 -4.46 -4.75 30.15
CA VAL B 59 -3.60 -5.87 29.76
C VAL B 59 -4.20 -6.68 28.62
N PHE B 60 -3.43 -6.88 27.56
CA PHE B 60 -3.88 -7.56 26.34
C PHE B 60 -3.21 -8.91 26.13
N SER B 61 -4.01 -9.91 25.73
CA SER B 61 -3.48 -11.20 25.30
C SER B 61 -3.78 -11.44 23.83
N ASN B 62 -2.73 -11.48 23.01
CA ASN B 62 -2.88 -11.70 21.57
C ASN B 62 -2.37 -13.08 21.14
N TYR B 63 -3.28 -13.95 20.72
CA TYR B 63 -2.93 -15.31 20.28
C TYR B 63 -2.99 -15.47 18.76
N ASN B 64 -1.92 -15.99 18.16
CA ASN B 64 -1.91 -16.25 16.73
C ASN B 64 -2.06 -17.74 16.42
N PRO B 65 -3.28 -18.18 16.09
CA PRO B 65 -3.58 -19.59 15.84
C PRO B 65 -2.67 -20.23 14.79
N ASN B 66 -2.36 -19.52 13.71
CA ASN B 66 -1.49 -20.08 12.66
C ASN B 66 -0.14 -20.53 13.17
N ALA B 67 0.50 -19.69 13.99
CA ALA B 67 1.82 -19.99 14.51
C ALA B 67 1.77 -20.50 15.95
N LYS B 68 0.56 -20.57 16.51
CA LYS B 68 0.39 -20.96 17.91
C LYS B 68 1.36 -20.21 18.82
N THR B 69 1.32 -18.87 18.74
CA THR B 69 2.21 -18.02 19.52
C THR B 69 1.43 -16.95 20.27
N TYR B 70 2.05 -16.39 21.30
CA TYR B 70 1.44 -15.33 22.11
C TYR B 70 2.27 -14.06 22.12
N SER B 71 1.58 -12.93 22.09
CA SER B 71 2.21 -11.66 22.41
C SER B 71 1.34 -10.92 23.40
N TYR B 72 1.99 -10.12 24.24
CA TYR B 72 1.30 -9.36 25.28
C TYR B 72 1.73 -7.90 25.25
N ASP B 73 0.79 -7.00 25.57
CA ASP B 73 1.14 -5.61 25.74
C ASP B 73 0.26 -4.98 26.82
N ILE B 74 0.69 -3.83 27.34
CA ILE B 74 -0.04 -3.18 28.44
C ILE B 74 -0.16 -1.69 28.22
N SER B 75 -1.38 -1.18 28.27
CA SER B 75 -1.62 0.25 28.19
C SER B 75 -1.67 0.88 29.58
N PHE B 76 -1.01 2.01 29.74
CA PHE B 76 -1.06 2.78 30.98
C PHE B 76 -1.60 4.18 30.67
N ALA B 77 -2.38 4.74 31.60
CA ALA B 77 -2.97 6.06 31.39
C ALA B 77 -3.46 6.70 32.67
N LYS B 78 -3.46 8.03 32.70
CA LYS B 78 -4.05 8.77 33.81
C LYS B 78 -5.35 9.42 33.33
N VAL B 79 -6.25 9.71 34.27
CA VAL B 79 -7.50 10.39 33.94
C VAL B 79 -7.24 11.70 33.21
N SER B 80 -6.19 12.40 33.62
CA SER B 80 -5.84 13.70 33.04
C SER B 80 -5.44 13.60 31.57
N ASP B 81 -5.42 12.38 31.04
CA ASP B 81 -5.00 12.16 29.66
C ASP B 81 -6.18 12.22 28.71
N PHE B 82 -7.38 12.37 29.27
CA PHE B 82 -8.59 12.36 28.46
C PHE B 82 -8.94 13.75 27.92
N ASP B 83 -9.38 13.78 26.67
CA ASP B 83 -9.80 15.02 26.04
C ASP B 83 -11.17 15.43 26.58
N GLY B 84 -11.16 16.09 27.74
CA GLY B 84 -12.38 16.53 28.38
C GLY B 84 -13.32 15.37 28.68
N ASN B 85 -14.60 15.58 28.38
CA ASN B 85 -15.61 14.54 28.60
C ASN B 85 -15.72 13.55 27.44
N ASN B 86 -14.79 13.62 26.50
CA ASN B 86 -14.80 12.75 25.34
C ASN B 86 -14.11 11.40 25.59
N GLY B 87 -14.58 10.37 24.88
CA GLY B 87 -13.93 9.07 24.92
C GLY B 87 -12.71 9.08 24.03
N LYS B 88 -11.69 9.80 24.47
CA LYS B 88 -10.49 9.98 23.68
C LYS B 88 -9.34 10.25 24.64
N TYR B 89 -8.22 9.55 24.42
CA TYR B 89 -7.07 9.72 25.30
C TYR B 89 -5.78 9.20 24.68
N THR B 90 -4.66 9.60 25.27
CA THR B 90 -3.36 9.10 24.87
C THR B 90 -2.85 8.16 25.96
N ALA B 91 -2.45 6.97 25.54
CA ALA B 91 -1.92 5.99 26.48
C ALA B 91 -0.52 5.57 26.10
N LYS B 92 0.25 5.31 27.13
CA LYS B 92 1.56 4.73 27.01
C LYS B 92 1.42 3.22 26.91
N ASN B 93 1.78 2.64 25.78
CA ASN B 93 1.60 1.21 25.58
C ASN B 93 2.93 0.44 25.58
N VAL B 94 2.99 -0.62 26.38
CA VAL B 94 4.21 -1.38 26.49
C VAL B 94 4.03 -2.83 26.12
N ILE B 95 4.77 -3.25 25.11
CA ILE B 95 4.81 -4.64 24.69
C ILE B 95 5.76 -5.36 25.64
N VAL B 96 5.27 -6.42 26.27
CA VAL B 96 6.05 -7.10 27.31
C VAL B 96 6.09 -8.62 27.12
N GLU B 97 7.10 -9.24 27.72
CA GLU B 97 7.23 -10.69 27.70
C GLU B 97 6.34 -11.34 28.75
N LYS B 98 6.34 -12.67 28.76
CA LYS B 98 5.46 -13.44 29.62
C LYS B 98 5.40 -12.89 31.06
N ASP B 99 6.56 -12.59 31.62
CA ASP B 99 6.63 -12.22 33.03
C ASP B 99 6.63 -10.71 33.27
N GLY B 100 6.43 -9.93 32.21
CA GLY B 100 6.33 -8.49 32.34
C GLY B 100 7.52 -7.69 31.86
N ARG B 101 8.61 -8.39 31.52
CA ARG B 101 9.79 -7.75 30.95
C ARG B 101 9.43 -6.91 29.72
N LYS B 102 9.90 -5.67 29.68
CA LYS B 102 9.72 -4.77 28.55
C LYS B 102 10.37 -5.29 27.28
N ILE B 103 9.71 -5.07 26.14
CA ILE B 103 10.28 -5.38 24.83
C ILE B 103 10.37 -4.11 23.99
N ASP B 104 9.26 -3.38 23.93
CA ASP B 104 9.19 -2.10 23.23
C ASP B 104 8.12 -1.23 23.88
N GLU B 105 8.09 0.05 23.52
CA GLU B 105 7.07 0.97 24.02
C GLU B 105 6.67 1.97 22.94
N ARG B 106 5.50 2.58 23.11
CA ARG B 106 4.98 3.51 22.13
C ARG B 106 3.81 4.24 22.76
N THR B 107 3.46 5.40 22.22
CA THR B 107 2.21 6.04 22.64
C THR B 107 1.11 5.67 21.65
N LEU B 108 -0.12 5.58 22.17
CA LEU B 108 -1.27 5.28 21.33
C LEU B 108 -2.35 6.34 21.55
N GLN B 109 -2.83 6.91 20.45
CA GLN B 109 -3.97 7.82 20.50
C GLN B 109 -5.23 6.99 20.30
N VAL B 110 -6.11 7.02 21.29
CA VAL B 110 -7.26 6.13 21.35
C VAL B 110 -8.55 6.92 21.24
N SER B 111 -9.36 6.57 20.25
CA SER B 111 -10.61 7.27 20.00
C SER B 111 -11.77 6.29 19.99
N TYR B 112 -12.67 6.45 20.96
CA TYR B 112 -13.87 5.62 21.02
C TYR B 112 -15.04 6.21 20.25
N ILE B 113 -15.43 5.52 19.18
CA ILE B 113 -16.43 5.98 18.22
C ILE B 113 -17.84 5.78 18.76
N ASP B 114 -18.01 4.75 19.59
CA ASP B 114 -19.28 4.49 20.27
C ASP B 114 -19.13 3.33 21.23
N THR B 115 -20.08 3.22 22.15
CA THR B 115 -20.13 2.10 23.08
C THR B 115 -21.42 2.14 23.88
N ASP B 116 -21.67 1.06 24.61
CA ASP B 116 -22.76 1.04 25.58
C ASP B 116 -22.28 0.40 26.88
N TYR B 117 -20.95 0.27 27.00
CA TYR B 117 -20.30 -0.13 28.25
C TYR B 117 -20.52 -1.60 28.60
N SER B 118 -21.74 -2.10 28.40
CA SER B 118 -22.12 -3.43 28.86
C SER B 118 -22.14 -4.49 27.77
N LYS B 119 -22.04 -4.05 26.52
CA LYS B 119 -22.11 -4.95 25.37
C LYS B 119 -20.91 -4.81 24.45
N TYR B 120 -20.77 -3.63 23.84
CA TYR B 120 -19.80 -3.42 22.77
C TYR B 120 -19.12 -2.08 22.87
N SER B 121 -17.98 -1.97 22.18
CA SER B 121 -17.35 -0.67 21.93
C SER B 121 -16.69 -0.71 20.54
N VAL B 122 -16.66 0.43 19.88
CA VAL B 122 -15.99 0.53 18.58
C VAL B 122 -14.86 1.55 18.70
N VAL B 123 -13.64 1.12 18.36
CA VAL B 123 -12.47 1.94 18.66
C VAL B 123 -11.53 2.15 17.47
N HIS B 124 -10.87 3.30 17.47
CA HIS B 124 -9.78 3.58 16.55
C HIS B 124 -8.54 3.80 17.40
N VAL B 125 -7.47 3.11 17.06
CA VAL B 125 -6.20 3.22 17.78
C VAL B 125 -5.06 3.49 16.81
N CYS B 126 -4.28 4.51 17.09
CA CYS B 126 -3.19 4.86 16.18
C CYS B 126 -1.93 5.33 16.91
N ASP B 127 -0.77 4.95 16.37
CA ASP B 127 0.52 5.38 16.91
C ASP B 127 1.09 6.50 16.04
N PRO B 128 1.18 7.72 16.60
CA PRO B 128 1.64 8.88 15.83
C PRO B 128 3.05 8.73 15.28
N ALA B 129 3.87 7.89 15.92
CA ALA B 129 5.22 7.66 15.44
C ALA B 129 5.24 6.64 14.30
N ALA B 130 4.20 5.83 14.20
CA ALA B 130 4.07 4.84 13.12
C ALA B 130 2.65 4.78 12.60
N PRO B 131 2.18 5.86 11.95
CA PRO B 131 0.77 5.98 11.60
C PRO B 131 0.24 4.91 10.63
N ASP B 132 1.13 4.19 9.95
CA ASP B 132 0.72 3.11 9.05
C ASP B 132 0.09 1.93 9.79
N TYR B 133 0.42 1.86 11.07
N TYR B 133 0.24 1.82 11.09
CA TYR B 133 -0.20 0.98 12.05
CA TYR B 133 -0.33 0.64 11.76
C TYR B 133 -1.31 1.74 12.75
C TYR B 133 -1.61 0.87 12.56
N TYR B 134 -2.46 1.78 12.09
CA TYR B 134 -3.70 2.13 12.77
C TYR B 134 -4.58 0.90 12.85
N LEU B 135 -5.55 0.96 13.74
CA LEU B 135 -6.41 -0.18 14.00
C LEU B 135 -7.85 0.30 14.24
N TYR B 136 -8.78 -0.24 13.47
CA TYR B 136 -10.21 -0.05 13.74
C TYR B 136 -10.74 -1.38 14.28
N ALA B 137 -11.27 -1.36 15.49
CA ALA B 137 -11.69 -2.59 16.15
C ALA B 137 -13.08 -2.52 16.77
N VAL B 138 -13.83 -3.60 16.61
CA VAL B 138 -15.06 -3.78 17.38
C VAL B 138 -14.73 -4.74 18.51
N GLN B 139 -15.19 -4.42 19.72
CA GLN B 139 -14.84 -5.17 20.92
C GLN B 139 -16.10 -5.54 21.71
N SER B 140 -16.12 -6.76 22.23
CA SER B 140 -17.32 -7.28 22.88
C SER B 140 -17.05 -7.86 24.27
N ARG B 141 -18.08 -7.88 25.11
CA ARG B 141 -18.00 -8.49 26.43
C ARG B 141 -18.05 -10.01 26.34
N THR B 142 -18.23 -10.51 25.13
CA THR B 142 -18.24 -11.95 24.86
C THR B 142 -17.57 -12.24 23.51
N GLU B 143 -17.20 -13.49 23.30
CA GLU B 143 -16.50 -13.89 22.06
C GLU B 143 -17.31 -13.61 20.80
N ASN B 144 -18.62 -13.44 20.96
CA ASN B 144 -19.50 -13.14 19.83
C ASN B 144 -20.09 -11.73 19.92
N VAL B 145 -20.58 -11.23 18.79
CA VAL B 145 -21.29 -9.96 18.77
C VAL B 145 -22.79 -10.20 18.68
N LYS B 146 -23.53 -9.67 19.66
CA LYS B 146 -24.96 -9.93 19.77
C LYS B 146 -25.77 -9.11 18.77
N GLU B 147 -26.82 -9.74 18.23
CA GLU B 147 -27.59 -9.15 17.12
C GLU B 147 -28.22 -7.79 17.43
N ASP B 148 -28.80 -7.66 18.63
CA ASP B 148 -29.48 -6.42 19.00
C ASP B 148 -28.57 -5.21 18.86
N VAL B 149 -27.26 -5.43 18.98
CA VAL B 149 -26.30 -4.34 18.89
C VAL B 149 -25.46 -4.39 17.62
N LYS B 150 -25.62 -5.45 16.83
CA LYS B 150 -24.92 -5.53 15.54
C LYS B 150 -25.29 -4.32 14.70
N SER B 151 -26.56 -3.94 14.76
CA SER B 151 -27.05 -2.76 14.06
C SER B 151 -26.36 -1.50 14.57
N LYS B 152 -26.02 -1.47 15.85
CA LYS B 152 -25.30 -0.34 16.43
C LYS B 152 -23.84 -0.30 15.95
N VAL B 153 -23.22 -1.47 15.90
CA VAL B 153 -21.83 -1.57 15.50
C VAL B 153 -21.64 -1.13 14.05
N GLU B 154 -22.56 -1.52 13.18
CA GLU B 154 -22.50 -1.16 11.78
C GLU B 154 -22.64 0.35 11.61
N ALA B 155 -23.51 0.95 12.40
CA ALA B 155 -23.74 2.39 12.37
C ALA B 155 -22.49 3.17 12.78
N ALA B 156 -21.75 2.66 13.76
CA ALA B 156 -20.52 3.31 14.19
C ALA B 156 -19.47 3.22 13.10
N LEU B 157 -19.29 2.03 12.55
CA LEU B 157 -18.30 1.83 11.48
C LEU B 157 -18.58 2.73 10.28
N GLY B 158 -19.83 2.74 9.82
CA GLY B 158 -20.23 3.60 8.72
C GLY B 158 -19.79 5.05 8.87
N LYS B 159 -19.66 5.49 10.12
CA LYS B 159 -19.18 6.84 10.42
C LYS B 159 -17.73 7.02 9.97
N VAL B 160 -16.95 5.96 10.06
CA VAL B 160 -15.56 6.03 9.66
C VAL B 160 -15.31 5.36 8.31
N GLY B 161 -16.38 5.25 7.52
CA GLY B 161 -16.30 4.76 6.16
C GLY B 161 -16.06 3.26 6.02
N LEU B 162 -16.45 2.49 7.02
CA LEU B 162 -16.16 1.06 7.02
C LEU B 162 -17.40 0.18 7.13
N LYS B 163 -17.26 -1.09 6.73
CA LYS B 163 -18.34 -2.06 6.80
C LYS B 163 -17.95 -3.20 7.73
N LEU B 164 -18.90 -3.69 8.52
CA LEU B 164 -18.60 -4.79 9.43
C LEU B 164 -18.05 -5.99 8.67
N SER B 165 -18.69 -6.34 7.56
CA SER B 165 -18.29 -7.49 6.75
C SER B 165 -17.00 -7.23 5.99
N GLY B 166 -16.53 -5.99 6.03
CA GLY B 166 -15.24 -5.64 5.44
C GLY B 166 -14.07 -5.77 6.41
N LEU B 167 -14.37 -6.02 7.68
CA LEU B 167 -13.33 -6.26 8.69
C LEU B 167 -12.95 -7.73 8.73
N PHE B 168 -11.79 -8.02 9.31
CA PHE B 168 -11.42 -9.40 9.59
C PHE B 168 -12.21 -9.92 10.79
N ASP B 169 -12.98 -10.97 10.57
CA ASP B 169 -13.82 -11.56 11.61
C ASP B 169 -13.02 -12.59 12.42
N ALA B 170 -12.39 -12.12 13.50
CA ALA B 170 -11.60 -13.00 14.34
C ALA B 170 -12.46 -14.01 15.09
N THR B 171 -13.76 -13.77 15.10
CA THR B 171 -14.73 -14.59 15.83
C THR B 171 -14.86 -15.99 15.22
N THR B 172 -14.55 -16.10 13.94
CA THR B 172 -14.63 -17.38 13.26
C THR B 172 -13.25 -17.90 12.82
N LEU B 173 -12.28 -17.79 13.72
CA LEU B 173 -11.04 -18.56 13.61
C LEU B 173 -11.33 -19.92 14.24
N GLY B 174 -12.61 -20.15 14.49
CA GLY B 174 -13.10 -21.41 15.02
C GLY B 174 -12.65 -21.63 16.45
N ASN B 175 -12.68 -22.88 16.87
CA ASN B 175 -12.20 -23.24 18.21
C ASN B 175 -10.70 -23.07 18.31
N LYS B 176 -10.06 -22.70 17.21
CA LYS B 176 -8.62 -22.51 17.20
C LYS B 176 -8.22 -21.39 18.15
N CYS B 177 -9.19 -20.55 18.48
CA CYS B 177 -8.95 -19.43 19.39
C CYS B 177 -8.68 -19.86 20.82
N GLN B 178 -7.84 -19.09 21.50
CA GLN B 178 -7.60 -19.30 22.92
C GLN B 178 -7.05 -18.02 23.54
N TYR B 179 -7.23 -17.88 24.85
CA TYR B 179 -6.88 -16.67 25.55
C TYR B 179 -6.18 -16.98 26.86
N ASP B 180 -5.13 -16.23 27.16
CA ASP B 180 -4.33 -16.46 28.35
C ASP B 180 -4.92 -15.74 29.57
N ASP B 181 -6.08 -16.21 30.03
CA ASP B 181 -6.72 -15.63 31.22
C ASP B 181 -5.77 -15.59 32.40
N GLU B 182 -4.93 -16.61 32.49
CA GLU B 182 -3.93 -16.71 33.55
C GLU B 182 -2.97 -15.52 33.54
N THR B 183 -2.28 -15.31 32.41
CA THR B 183 -1.28 -14.26 32.31
C THR B 183 -1.91 -12.87 32.43
N LEU B 184 -3.14 -12.71 31.94
CA LEU B 184 -3.85 -11.44 32.03
C LEU B 184 -4.05 -11.00 33.48
N GLN B 185 -4.40 -11.94 34.35
CA GLN B 185 -4.66 -11.64 35.76
C GLN B 185 -3.38 -11.37 36.56
N LYS B 186 -2.31 -12.09 36.22
CA LYS B 186 -1.01 -11.88 36.85
C LYS B 186 -0.45 -10.50 36.52
N LEU B 187 -0.35 -10.18 35.24
CA LEU B 187 0.22 -8.90 34.83
C LEU B 187 -0.62 -7.71 35.28
N LEU B 188 -1.93 -7.90 35.39
CA LEU B 188 -2.81 -6.82 35.83
C LEU B 188 -2.51 -6.42 37.27
N LYS B 189 -2.23 -7.40 38.11
CA LYS B 189 -1.94 -7.15 39.51
C LYS B 189 -0.48 -6.75 39.71
N GLN B 190 0.41 -7.37 38.95
CA GLN B 190 1.83 -7.14 39.06
C GLN B 190 2.19 -5.66 38.87
N SER B 191 3.17 -5.19 39.63
CA SER B 191 3.52 -3.78 39.66
C SER B 191 4.54 -3.41 38.59
N PHE B 192 4.33 -2.26 37.96
CA PHE B 192 5.25 -1.74 36.95
C PHE B 192 5.63 -0.31 37.32
N PRO B 193 6.56 -0.17 38.28
CA PRO B 193 6.92 1.14 38.85
C PRO B 193 7.29 2.15 37.78
N ASN B 194 7.94 1.69 36.72
CA ASN B 194 8.38 2.57 35.66
C ASN B 194 7.25 3.16 34.82
N TYR B 195 6.02 2.72 35.09
CA TYR B 195 4.87 3.18 34.29
C TYR B 195 3.64 3.60 35.09
N GLU B 196 3.54 3.14 36.33
CA GLU B 196 2.46 3.57 37.23
C GLU B 196 2.92 4.73 38.11
N CYS C 5 11.51 -42.83 -4.42
CA CYS C 5 11.33 -42.43 -5.81
C CYS C 5 12.63 -42.48 -6.60
N SER C 6 12.57 -42.04 -7.85
CA SER C 6 13.67 -42.21 -8.79
C SER C 6 14.75 -41.13 -8.66
N THR C 7 15.99 -41.54 -8.88
CA THR C 7 17.09 -40.61 -9.01
C THR C 7 17.42 -40.45 -10.50
N VAL C 8 17.68 -39.22 -10.93
CA VAL C 8 17.93 -38.96 -12.35
C VAL C 8 19.17 -38.11 -12.57
N ASP C 9 19.77 -38.22 -13.75
CA ASP C 9 20.91 -37.40 -14.12
C ASP C 9 20.43 -35.98 -14.31
N THR C 10 21.25 -35.00 -13.93
CA THR C 10 20.82 -33.61 -14.02
C THR C 10 21.82 -32.73 -14.76
N VAL C 11 21.35 -31.54 -15.14
CA VAL C 11 22.19 -30.52 -15.77
C VAL C 11 23.49 -30.34 -14.99
N LYS C 12 24.62 -30.29 -15.69
CA LYS C 12 25.91 -30.10 -15.02
C LYS C 12 26.36 -28.65 -15.10
N ASP C 13 27.07 -28.19 -14.07
CA ASP C 13 27.35 -26.77 -13.92
C ASP C 13 26.06 -25.99 -14.16
N PHE C 14 25.07 -26.31 -13.34
CA PHE C 14 23.76 -25.66 -13.38
C PHE C 14 23.92 -24.24 -12.85
N ASN C 15 23.54 -23.25 -13.67
CA ASN C 15 23.75 -21.85 -13.31
C ASN C 15 22.54 -21.26 -12.57
N LYS C 16 22.69 -21.10 -11.26
CA LYS C 16 21.57 -20.65 -10.41
C LYS C 16 21.10 -19.21 -10.69
N ASP C 17 22.04 -18.28 -10.86
CA ASP C 17 21.69 -16.91 -11.23
C ASP C 17 20.89 -16.89 -12.53
N ASN C 18 21.27 -17.70 -13.50
CA ASN C 18 20.55 -17.73 -14.77
C ASN C 18 19.16 -18.33 -14.63
N PHE C 19 18.98 -19.23 -13.67
CA PHE C 19 17.74 -19.98 -13.57
C PHE C 19 16.66 -19.35 -12.69
N PHE C 20 17.02 -18.96 -11.47
CA PHE C 20 16.02 -18.53 -10.48
C PHE C 20 15.65 -17.05 -10.58
N THR C 21 14.95 -16.72 -11.66
CA THR C 21 14.46 -15.36 -11.93
C THR C 21 13.11 -15.46 -12.67
N GLY C 22 12.33 -14.39 -12.62
CA GLY C 22 11.11 -14.31 -13.41
C GLY C 22 10.07 -15.39 -13.15
N SER C 23 9.44 -15.87 -14.22
CA SER C 23 8.32 -16.79 -14.09
C SER C 23 8.38 -17.99 -15.05
N TRP C 24 7.62 -19.02 -14.72
CA TRP C 24 7.57 -20.24 -15.49
C TRP C 24 6.12 -20.71 -15.53
N TYR C 25 5.78 -21.45 -16.59
CA TYR C 25 4.48 -22.11 -16.73
C TYR C 25 4.72 -23.61 -16.81
N ILE C 26 3.84 -24.39 -16.23
CA ILE C 26 3.96 -25.84 -16.36
C ILE C 26 3.10 -26.30 -17.52
N THR C 27 3.75 -26.63 -18.63
CA THR C 27 3.07 -26.93 -19.89
C THR C 27 2.59 -28.39 -20.00
N HIS C 28 3.43 -29.33 -19.57
CA HIS C 28 3.07 -30.74 -19.59
C HIS C 28 3.55 -31.41 -18.31
N TYR C 29 2.97 -32.57 -17.98
CA TYR C 29 3.40 -33.32 -16.80
C TYR C 29 2.74 -34.68 -16.62
N LYS C 30 3.43 -35.56 -15.89
CA LYS C 30 2.92 -36.87 -15.51
C LYS C 30 2.94 -37.02 -13.99
N LEU C 31 1.83 -37.44 -13.42
CA LEU C 31 1.69 -37.50 -11.97
C LEU C 31 1.37 -38.93 -11.50
N GLY C 32 2.38 -39.59 -10.94
CA GLY C 32 2.21 -40.95 -10.44
C GLY C 32 2.01 -41.93 -11.57
N ASP C 33 1.89 -43.21 -11.21
CA ASP C 33 1.73 -44.25 -12.22
C ASP C 33 0.27 -44.47 -12.61
N SER C 34 -0.65 -43.85 -11.86
CA SER C 34 -2.08 -44.03 -12.08
C SER C 34 -2.69 -42.98 -13.01
N THR C 35 -3.92 -43.24 -13.44
CA THR C 35 -4.63 -42.36 -14.36
C THR C 35 -4.89 -40.99 -13.73
N LEU C 36 -4.65 -39.93 -14.49
CA LEU C 36 -4.77 -38.56 -13.97
C LEU C 36 -6.23 -38.14 -13.77
N GLU C 37 -6.59 -37.87 -12.52
CA GLU C 37 -7.95 -37.45 -12.17
C GLU C 37 -8.17 -35.96 -12.48
N VAL C 38 -9.43 -35.59 -12.74
CA VAL C 38 -9.76 -34.24 -13.20
C VAL C 38 -9.36 -33.14 -12.22
N GLY C 39 -9.34 -33.46 -10.93
CA GLY C 39 -8.96 -32.50 -9.91
C GLY C 39 -7.46 -32.23 -9.94
N ASP C 40 -6.74 -33.07 -10.68
CA ASP C 40 -5.29 -32.96 -10.80
C ASP C 40 -4.88 -32.41 -12.17
N LYS C 41 -5.88 -31.93 -12.92
CA LYS C 41 -5.61 -31.29 -14.20
C LYS C 41 -5.65 -29.77 -14.05
N ASN C 42 -4.47 -29.18 -13.89
CA ASN C 42 -4.35 -27.79 -13.51
C ASN C 42 -3.55 -26.94 -14.49
N CYS C 43 -3.78 -25.63 -14.43
CA CYS C 43 -2.93 -24.66 -15.08
C CYS C 43 -2.02 -24.07 -13.99
N THR C 44 -0.72 -24.31 -14.09
CA THR C 44 0.21 -23.78 -13.10
C THR C 44 1.19 -22.75 -13.67
N LYS C 45 1.26 -21.60 -13.00
CA LYS C 45 2.30 -20.61 -13.21
C LYS C 45 3.08 -20.43 -11.90
N PHE C 46 4.39 -20.23 -11.98
CA PHE C 46 5.12 -19.89 -10.77
C PHE C 46 6.18 -18.80 -10.94
N LEU C 47 6.45 -18.12 -9.83
CA LEU C 47 7.42 -17.04 -9.75
C LEU C 47 8.53 -17.53 -8.85
N HIS C 48 9.76 -17.20 -9.17
CA HIS C 48 10.78 -17.44 -8.15
C HIS C 48 11.96 -16.49 -8.15
N GLN C 49 12.71 -16.54 -7.06
CA GLN C 49 13.78 -15.58 -6.82
C GLN C 49 14.87 -16.20 -5.97
N LYS C 50 16.05 -15.61 -6.05
CA LYS C 50 17.16 -16.05 -5.27
C LYS C 50 17.78 -14.78 -4.70
N THR C 51 17.95 -14.75 -3.38
CA THR C 51 18.54 -13.58 -2.70
C THR C 51 20.06 -13.61 -2.78
N ALA C 52 20.68 -12.52 -2.35
CA ALA C 52 22.14 -12.44 -2.25
C ALA C 52 22.67 -13.44 -1.21
N ASP C 53 21.84 -13.73 -0.21
CA ASP C 53 22.18 -14.68 0.85
C ASP C 53 22.11 -16.13 0.37
N GLY C 54 21.58 -16.35 -0.82
CA GLY C 54 21.50 -17.69 -1.39
C GLY C 54 20.24 -18.44 -1.02
N LYS C 55 19.21 -17.69 -0.64
CA LYS C 55 17.92 -18.31 -0.33
C LYS C 55 17.04 -18.25 -1.56
N ILE C 56 16.45 -19.38 -1.91
CA ILE C 56 15.62 -19.50 -3.10
C ILE C 56 14.15 -19.61 -2.69
N LYS C 57 13.30 -18.86 -3.37
CA LYS C 57 11.88 -18.88 -3.03
C LYS C 57 11.07 -19.04 -4.30
N GLU C 58 10.16 -20.00 -4.31
CA GLU C 58 9.40 -20.33 -5.50
C GLU C 58 7.91 -20.42 -5.19
N VAL C 59 7.11 -19.49 -5.73
CA VAL C 59 5.69 -19.42 -5.38
C VAL C 59 4.80 -19.91 -6.53
N PHE C 60 3.94 -20.89 -6.23
CA PHE C 60 3.12 -21.58 -7.23
C PHE C 60 1.62 -21.24 -7.15
N SER C 61 1.05 -20.88 -8.29
CA SER C 61 -0.39 -20.71 -8.46
C SER C 61 -0.96 -21.86 -9.29
N ASN C 62 -1.68 -22.80 -8.66
CA ASN C 62 -2.25 -23.94 -9.37
C ASN C 62 -3.76 -23.81 -9.57
N TYR C 63 -4.20 -23.70 -10.82
CA TYR C 63 -5.62 -23.49 -11.11
C TYR C 63 -6.30 -24.67 -11.80
N ASN C 64 -7.42 -25.10 -11.23
CA ASN C 64 -8.20 -26.22 -11.74
C ASN C 64 -9.47 -25.72 -12.44
N PRO C 65 -9.45 -25.66 -13.78
CA PRO C 65 -10.58 -25.14 -14.57
C PRO C 65 -11.91 -25.85 -14.31
N ASN C 66 -11.85 -27.17 -14.07
CA ASN C 66 -13.06 -27.93 -13.78
C ASN C 66 -13.81 -27.46 -12.53
N ALA C 67 -13.07 -27.15 -11.47
CA ALA C 67 -13.69 -26.70 -10.23
C ALA C 67 -13.56 -25.19 -10.06
N LYS C 68 -12.78 -24.57 -10.94
CA LYS C 68 -12.55 -23.13 -10.92
C LYS C 68 -11.99 -22.65 -9.58
N THR C 69 -10.99 -23.37 -9.08
CA THR C 69 -10.38 -23.05 -7.80
C THR C 69 -8.85 -23.07 -7.88
N TYR C 70 -8.23 -22.39 -6.94
CA TYR C 70 -6.77 -22.30 -6.88
C TYR C 70 -6.23 -23.06 -5.67
N SER C 71 -5.02 -23.59 -5.81
CA SER C 71 -4.24 -23.98 -4.65
C SER C 71 -2.89 -23.29 -4.79
N TYR C 72 -2.28 -22.95 -3.66
CA TYR C 72 -0.99 -22.28 -3.67
C TYR C 72 0.00 -23.04 -2.79
N ASP C 73 1.26 -23.09 -3.24
CA ASP C 73 2.32 -23.62 -2.39
C ASP C 73 3.61 -22.89 -2.65
N ILE C 74 4.52 -22.95 -1.68
CA ILE C 74 5.79 -22.25 -1.79
C ILE C 74 6.92 -23.23 -1.55
N SER C 75 7.96 -23.17 -2.37
CA SER C 75 9.15 -23.98 -2.15
C SER C 75 10.27 -23.09 -1.65
N PHE C 76 10.89 -23.49 -0.54
CA PHE C 76 12.03 -22.78 0.05
C PHE C 76 13.26 -23.66 -0.07
N ALA C 77 14.36 -23.11 -0.59
CA ALA C 77 15.61 -23.86 -0.65
C ALA C 77 16.82 -22.98 -0.35
N LYS C 78 17.98 -23.61 -0.22
CA LYS C 78 19.25 -22.97 0.12
C LYS C 78 20.28 -23.33 -0.94
N VAL C 79 21.13 -22.38 -1.32
CA VAL C 79 22.19 -22.68 -2.28
C VAL C 79 23.03 -23.88 -1.84
N SER C 80 23.15 -24.05 -0.53
CA SER C 80 23.99 -25.12 0.01
C SER C 80 23.27 -26.47 -0.01
N ASP C 81 21.99 -26.46 -0.35
CA ASP C 81 21.22 -27.70 -0.43
C ASP C 81 21.29 -28.34 -1.81
N PHE C 82 22.14 -27.77 -2.66
CA PHE C 82 22.35 -28.31 -3.99
C PHE C 82 23.46 -29.33 -3.98
N ASP C 83 23.32 -30.34 -4.83
CA ASP C 83 24.31 -31.40 -4.96
C ASP C 83 25.43 -30.93 -5.88
N GLY C 84 26.55 -30.49 -5.29
CA GLY C 84 27.66 -29.97 -6.07
C GLY C 84 27.21 -28.89 -7.05
N ASN C 85 27.72 -28.96 -8.28
CA ASN C 85 27.39 -27.99 -9.32
C ASN C 85 26.20 -28.42 -10.16
N ASN C 86 25.55 -29.51 -9.76
CA ASN C 86 24.46 -30.08 -10.54
C ASN C 86 23.15 -29.35 -10.34
N GLY C 87 22.20 -29.63 -11.23
CA GLY C 87 20.86 -29.07 -11.11
C GLY C 87 19.96 -29.95 -10.28
N LYS C 88 20.37 -30.20 -9.04
CA LYS C 88 19.63 -31.08 -8.16
C LYS C 88 19.64 -30.55 -6.74
N TYR C 89 18.47 -30.51 -6.11
CA TYR C 89 18.38 -30.00 -4.74
C TYR C 89 17.15 -30.54 -3.99
N THR C 90 17.16 -30.33 -2.68
CA THR C 90 16.01 -30.64 -1.82
C THR C 90 15.43 -29.33 -1.28
N ALA C 91 14.11 -29.26 -1.19
CA ALA C 91 13.43 -28.04 -0.76
C ALA C 91 12.31 -28.37 0.20
N LYS C 92 11.92 -27.38 0.99
CA LYS C 92 10.72 -27.48 1.82
C LYS C 92 9.57 -26.84 1.05
N ASN C 93 8.50 -27.60 0.87
CA ASN C 93 7.36 -27.09 0.13
C ASN C 93 6.15 -26.94 1.05
N VAL C 94 5.60 -25.74 1.11
CA VAL C 94 4.49 -25.47 2.00
C VAL C 94 3.24 -25.09 1.23
N ILE C 95 2.18 -25.87 1.42
CA ILE C 95 0.88 -25.52 0.88
C ILE C 95 0.29 -24.43 1.76
N VAL C 96 -0.14 -23.34 1.15
CA VAL C 96 -0.65 -22.20 1.90
C VAL C 96 -1.93 -21.62 1.31
N GLU C 97 -2.63 -20.83 2.12
CA GLU C 97 -3.78 -20.09 1.66
C GLU C 97 -3.33 -18.71 1.19
N LYS C 98 -4.24 -17.96 0.57
CA LYS C 98 -3.92 -16.64 0.01
C LYS C 98 -3.20 -15.72 0.99
N ASP C 99 -3.57 -15.82 2.26
CA ASP C 99 -2.99 -14.96 3.29
C ASP C 99 -1.71 -15.55 3.88
N GLY C 100 -1.34 -16.73 3.36
CA GLY C 100 -0.12 -17.39 3.79
C GLY C 100 -0.27 -18.38 4.93
N ARG C 101 -1.51 -18.69 5.32
CA ARG C 101 -1.73 -19.67 6.39
C ARG C 101 -1.29 -21.06 5.95
N LYS C 102 -0.56 -21.77 6.82
CA LYS C 102 -0.04 -23.08 6.45
C LYS C 102 -1.12 -24.15 6.49
N ILE C 103 -1.26 -24.87 5.37
CA ILE C 103 -2.23 -25.95 5.28
C ILE C 103 -1.55 -27.28 5.50
N ASP C 104 -0.36 -27.43 4.92
CA ASP C 104 0.46 -28.62 5.13
C ASP C 104 1.86 -28.39 4.61
N GLU C 105 2.76 -29.32 4.91
CA GLU C 105 4.19 -29.15 4.65
C GLU C 105 4.80 -30.47 4.21
N ARG C 106 5.83 -30.40 3.37
CA ARG C 106 6.48 -31.61 2.86
C ARG C 106 7.88 -31.30 2.37
N THR C 107 8.69 -32.35 2.23
CA THR C 107 10.02 -32.22 1.65
C THR C 107 10.00 -32.71 0.21
N LEU C 108 10.64 -31.97 -0.68
CA LEU C 108 10.72 -32.35 -2.09
C LEU C 108 12.16 -32.52 -2.55
N GLN C 109 12.38 -33.52 -3.39
CA GLN C 109 13.65 -33.66 -4.06
C GLN C 109 13.45 -33.14 -5.48
N VAL C 110 14.27 -32.18 -5.88
CA VAL C 110 14.12 -31.55 -7.19
C VAL C 110 15.33 -31.83 -8.07
N SER C 111 15.08 -32.45 -9.21
CA SER C 111 16.15 -32.77 -10.15
C SER C 111 15.82 -32.19 -11.52
N TYR C 112 16.64 -31.26 -11.98
CA TYR C 112 16.44 -30.70 -13.30
C TYR C 112 17.15 -31.51 -14.39
N ILE C 113 16.35 -32.11 -15.27
CA ILE C 113 16.88 -32.95 -16.33
C ILE C 113 17.56 -32.12 -17.41
N ASP C 114 16.99 -30.95 -17.72
CA ASP C 114 17.57 -30.07 -18.72
C ASP C 114 16.93 -28.68 -18.69
N THR C 115 17.65 -27.69 -19.24
CA THR C 115 17.14 -26.33 -19.35
C THR C 115 18.09 -25.48 -20.19
N ASP C 116 17.57 -24.39 -20.76
CA ASP C 116 18.39 -23.39 -21.42
C ASP C 116 18.15 -22.03 -20.76
N TYR C 117 17.47 -22.06 -19.62
CA TYR C 117 17.29 -20.87 -18.78
C TYR C 117 16.31 -19.83 -19.34
N SER C 118 16.35 -19.61 -20.65
CA SER C 118 15.59 -18.52 -21.29
C SER C 118 14.26 -18.97 -21.88
N LYS C 119 14.12 -20.26 -22.16
CA LYS C 119 12.91 -20.76 -22.81
C LYS C 119 12.25 -21.90 -22.06
N TYR C 120 13.03 -22.92 -21.70
CA TYR C 120 12.45 -24.15 -21.18
C TYR C 120 13.27 -24.80 -20.08
N SER C 121 12.61 -25.70 -19.36
CA SER C 121 13.31 -26.57 -18.42
C SER C 121 12.45 -27.82 -18.27
N VAL C 122 13.09 -28.90 -17.88
CA VAL C 122 12.40 -30.18 -17.69
C VAL C 122 12.85 -30.74 -16.36
N VAL C 123 11.89 -31.14 -15.53
CA VAL C 123 12.19 -31.43 -14.14
C VAL C 123 11.49 -32.67 -13.64
N HIS C 124 12.12 -33.32 -12.67
CA HIS C 124 11.52 -34.43 -11.94
C HIS C 124 11.41 -34.00 -10.49
N VAL C 125 10.20 -34.05 -9.95
CA VAL C 125 9.97 -33.67 -8.57
C VAL C 125 9.40 -34.85 -7.81
N CYS C 126 9.98 -35.16 -6.64
CA CYS C 126 9.50 -36.29 -5.85
C CYS C 126 9.53 -36.00 -4.36
N ASP C 127 8.51 -36.49 -3.66
CA ASP C 127 8.42 -36.37 -2.21
C ASP C 127 8.86 -37.71 -1.62
N PRO C 128 9.97 -37.71 -0.87
CA PRO C 128 10.49 -38.97 -0.32
C PRO C 128 9.43 -39.72 0.46
N ALA C 129 8.51 -38.98 1.06
CA ALA C 129 7.43 -39.58 1.85
C ALA C 129 6.26 -40.05 0.97
N ALA C 130 6.02 -39.35 -0.12
CA ALA C 130 4.94 -39.72 -1.04
C ALA C 130 5.49 -40.03 -2.43
N PRO C 131 6.18 -41.19 -2.56
CA PRO C 131 6.82 -41.58 -3.82
C PRO C 131 5.79 -41.86 -4.91
N ASP C 132 4.56 -42.15 -4.51
CA ASP C 132 3.49 -42.42 -5.46
C ASP C 132 3.08 -41.15 -6.22
N TYR C 133 3.38 -40.00 -5.63
CA TYR C 133 3.06 -38.72 -6.27
C TYR C 133 4.31 -38.02 -6.81
N TYR C 134 5.14 -38.78 -7.51
CA TYR C 134 6.28 -38.19 -8.20
C TYR C 134 5.78 -37.39 -9.39
N LEU C 135 6.59 -36.46 -9.85
CA LEU C 135 6.20 -35.59 -10.94
C LEU C 135 7.31 -35.43 -11.97
N TYR C 136 6.96 -35.62 -13.23
CA TYR C 136 7.82 -35.18 -14.32
C TYR C 136 7.07 -34.04 -15.00
N ALA C 137 7.77 -32.93 -15.26
CA ALA C 137 7.12 -31.75 -15.81
C ALA C 137 7.96 -31.01 -16.84
N VAL C 138 7.31 -30.46 -17.86
CA VAL C 138 7.95 -29.54 -18.79
C VAL C 138 7.52 -28.12 -18.41
N GLN C 139 8.48 -27.22 -18.33
CA GLN C 139 8.24 -25.88 -17.87
C GLN C 139 8.76 -24.88 -18.90
N SER C 140 8.04 -23.79 -19.08
CA SER C 140 8.37 -22.83 -20.14
C SER C 140 8.29 -21.40 -19.64
N ARG C 141 9.09 -20.52 -20.24
CA ARG C 141 8.99 -19.09 -19.95
C ARG C 141 7.71 -18.48 -20.52
N THR C 142 7.10 -19.18 -21.49
CA THR C 142 5.82 -18.77 -22.06
C THR C 142 4.77 -19.88 -21.90
N GLU C 143 3.53 -19.57 -22.26
CA GLU C 143 2.40 -20.47 -22.07
C GLU C 143 2.50 -21.76 -22.87
N ASN C 144 3.20 -21.69 -24.00
CA ASN C 144 3.49 -22.88 -24.79
C ASN C 144 5.00 -23.06 -24.86
N VAL C 145 5.44 -24.32 -24.96
CA VAL C 145 6.82 -24.63 -25.27
C VAL C 145 7.08 -24.14 -26.69
N LYS C 146 8.11 -23.33 -26.87
CA LYS C 146 8.36 -22.74 -28.18
C LYS C 146 8.79 -23.79 -29.23
N GLU C 147 8.29 -23.62 -30.44
CA GLU C 147 8.56 -24.56 -31.54
C GLU C 147 10.03 -24.90 -31.66
N ASP C 148 10.88 -23.87 -31.56
CA ASP C 148 12.31 -24.01 -31.78
C ASP C 148 13.11 -24.61 -30.61
N VAL C 149 12.43 -25.00 -29.54
CA VAL C 149 13.11 -25.78 -28.48
C VAL C 149 12.39 -27.10 -28.25
N LYS C 150 11.39 -27.36 -29.08
CA LYS C 150 10.55 -28.53 -28.93
C LYS C 150 11.35 -29.84 -28.96
N SER C 151 12.28 -29.97 -29.90
CA SER C 151 13.04 -31.22 -30.03
C SER C 151 13.98 -31.44 -28.85
N LYS C 152 14.52 -30.35 -28.30
CA LYS C 152 15.38 -30.44 -27.12
C LYS C 152 14.57 -30.95 -25.93
N VAL C 153 13.31 -30.56 -25.88
CA VAL C 153 12.41 -31.01 -24.83
C VAL C 153 12.19 -32.53 -24.94
N GLU C 154 11.78 -32.97 -26.11
CA GLU C 154 11.60 -34.40 -26.36
C GLU C 154 12.83 -35.24 -26.00
N ALA C 155 14.02 -34.75 -26.34
CA ALA C 155 15.25 -35.46 -26.01
C ALA C 155 15.47 -35.58 -24.51
N ALA C 156 15.12 -34.53 -23.77
CA ALA C 156 15.26 -34.55 -22.32
C ALA C 156 14.25 -35.54 -21.73
N LEU C 157 13.03 -35.54 -22.27
CA LEU C 157 12.01 -36.50 -21.83
C LEU C 157 12.44 -37.92 -22.18
N GLY C 158 12.98 -38.11 -23.38
CA GLY C 158 13.53 -39.39 -23.77
C GLY C 158 14.58 -39.85 -22.80
N LYS C 159 15.46 -38.94 -22.41
CA LYS C 159 16.54 -39.24 -21.48
C LYS C 159 16.03 -39.94 -20.23
N VAL C 160 14.75 -39.80 -19.94
CA VAL C 160 14.15 -40.46 -18.79
C VAL C 160 13.02 -41.40 -19.21
N GLY C 161 13.11 -41.92 -20.44
CA GLY C 161 12.19 -42.93 -20.93
C GLY C 161 10.75 -42.46 -21.08
N LEU C 162 10.59 -41.20 -21.47
CA LEU C 162 9.26 -40.61 -21.63
C LEU C 162 9.10 -39.92 -22.98
N LYS C 163 7.85 -39.77 -23.40
CA LYS C 163 7.55 -39.01 -24.61
C LYS C 163 6.58 -37.88 -24.32
N LEU C 164 6.77 -36.77 -25.01
CA LEU C 164 5.91 -35.60 -24.87
C LEU C 164 4.44 -35.99 -25.03
N SER C 165 4.16 -36.87 -25.99
CA SER C 165 2.80 -37.31 -26.27
C SER C 165 2.19 -38.08 -25.09
N GLY C 166 3.05 -38.66 -24.26
CA GLY C 166 2.61 -39.44 -23.12
C GLY C 166 2.30 -38.61 -21.89
N LEU C 167 2.50 -37.31 -21.99
CA LEU C 167 2.21 -36.41 -20.87
C LEU C 167 0.88 -35.71 -21.04
N PHE C 168 0.27 -35.36 -19.91
CA PHE C 168 -0.92 -34.51 -19.93
C PHE C 168 -0.53 -33.13 -20.42
N ASP C 169 -1.15 -32.72 -21.52
CA ASP C 169 -0.89 -31.42 -22.10
C ASP C 169 -1.80 -30.38 -21.44
N ALA C 170 -1.31 -29.76 -20.37
CA ALA C 170 -2.06 -28.75 -19.64
C ALA C 170 -2.47 -27.60 -20.56
N THR C 171 -1.79 -27.47 -21.69
CA THR C 171 -2.11 -26.42 -22.66
C THR C 171 -3.38 -26.74 -23.46
N THR C 172 -3.86 -27.98 -23.36
CA THR C 172 -5.11 -28.35 -24.02
C THR C 172 -6.30 -27.72 -23.32
N LEU C 173 -6.09 -27.30 -22.08
CA LEU C 173 -7.12 -26.61 -21.32
C LEU C 173 -7.46 -25.29 -22.01
N GLY C 174 -6.47 -24.70 -22.64
CA GLY C 174 -6.67 -23.55 -23.50
C GLY C 174 -7.16 -22.30 -22.80
N ASN C 175 -8.20 -21.68 -23.36
CA ASN C 175 -8.65 -20.38 -22.87
C ASN C 175 -9.33 -20.46 -21.51
N LYS C 176 -9.46 -21.66 -20.96
CA LYS C 176 -10.01 -21.84 -19.62
C LYS C 176 -8.94 -21.75 -18.53
N CYS C 177 -7.68 -21.56 -18.91
CA CYS C 177 -6.63 -21.38 -17.92
C CYS C 177 -6.74 -20.03 -17.24
N GLN C 178 -6.50 -20.00 -15.93
CA GLN C 178 -6.45 -18.74 -15.20
C GLN C 178 -5.25 -18.71 -14.27
N TYR C 179 -4.63 -17.55 -14.12
CA TYR C 179 -3.48 -17.40 -13.22
C TYR C 179 -3.71 -16.28 -12.18
N ASP C 180 -3.33 -16.54 -10.93
CA ASP C 180 -3.49 -15.55 -9.86
C ASP C 180 -2.14 -14.88 -9.62
N ASP C 181 -1.87 -13.83 -10.38
CA ASP C 181 -0.65 -13.05 -10.23
C ASP C 181 -0.67 -12.17 -8.96
N GLU C 182 -1.84 -11.68 -8.56
CA GLU C 182 -1.93 -10.90 -7.32
C GLU C 182 -1.41 -11.73 -6.15
N THR C 183 -1.90 -12.95 -6.03
CA THR C 183 -1.45 -13.82 -4.95
C THR C 183 0.02 -14.23 -5.12
N LEU C 184 0.45 -14.54 -6.34
CA LEU C 184 1.86 -14.85 -6.58
C LEU C 184 2.74 -13.73 -6.04
N GLN C 185 2.44 -12.49 -6.42
CA GLN C 185 3.27 -11.37 -5.99
C GLN C 185 3.22 -11.14 -4.47
N LYS C 186 2.04 -11.28 -3.88
CA LYS C 186 1.88 -11.09 -2.43
C LYS C 186 2.69 -12.10 -1.62
N LEU C 187 2.50 -13.38 -1.91
CA LEU C 187 3.23 -14.45 -1.22
C LEU C 187 4.72 -14.35 -1.45
N LEU C 188 5.11 -13.84 -2.62
CA LEU C 188 6.54 -13.76 -2.91
C LEU C 188 7.15 -12.72 -1.99
N LYS C 189 6.38 -11.67 -1.72
CA LYS C 189 6.86 -10.53 -0.97
C LYS C 189 6.71 -10.75 0.54
N GLN C 190 5.74 -11.58 0.91
CA GLN C 190 5.41 -11.86 2.31
C GLN C 190 6.48 -12.68 3.01
N SER C 191 6.83 -12.26 4.21
CA SER C 191 7.84 -12.92 5.02
C SER C 191 7.31 -14.19 5.69
N PHE C 192 8.03 -15.29 5.51
CA PHE C 192 7.74 -16.51 6.24
C PHE C 192 8.98 -16.85 7.09
N PRO C 193 9.11 -16.18 8.25
CA PRO C 193 10.33 -16.31 9.07
C PRO C 193 10.56 -17.76 9.48
N ASN C 194 9.47 -18.52 9.60
CA ASN C 194 9.57 -19.93 9.91
C ASN C 194 10.32 -20.76 8.85
N TYR C 195 10.37 -20.26 7.62
CA TYR C 195 11.03 -20.99 6.53
C TYR C 195 12.16 -20.24 5.84
N GLU C 196 12.20 -18.92 6.01
CA GLU C 196 13.19 -18.09 5.33
C GLU C 196 14.28 -17.59 6.27
N LYS C 197 14.29 -18.07 7.50
CA LYS C 197 15.27 -17.62 8.48
C LYS C 197 15.87 -18.78 9.28
N GLY D 4 -32.43 10.75 -18.67
CA GLY D 4 -31.15 10.95 -19.34
C GLY D 4 -29.95 10.83 -18.40
N CYS D 5 -28.75 11.01 -18.96
CA CYS D 5 -27.52 10.91 -18.19
C CYS D 5 -27.23 12.16 -17.36
N SER D 6 -26.63 11.96 -16.18
CA SER D 6 -26.38 13.05 -15.26
C SER D 6 -25.13 13.86 -15.62
N THR D 7 -25.19 15.17 -15.36
CA THR D 7 -24.08 16.06 -15.65
C THR D 7 -23.42 16.52 -14.34
N VAL D 8 -22.13 16.25 -14.21
CA VAL D 8 -21.41 16.60 -12.98
C VAL D 8 -20.20 17.51 -13.23
N ASP D 9 -19.76 18.20 -12.18
CA ASP D 9 -18.60 19.09 -12.25
C ASP D 9 -17.32 18.28 -12.09
N THR D 10 -16.30 18.58 -12.88
CA THR D 10 -15.13 17.74 -12.96
C THR D 10 -13.86 18.46 -12.51
N VAL D 11 -12.80 17.68 -12.33
CA VAL D 11 -11.49 18.21 -11.98
C VAL D 11 -11.04 19.21 -13.03
N LYS D 12 -10.58 20.37 -12.58
CA LYS D 12 -9.97 21.35 -13.48
C LYS D 12 -8.48 21.04 -13.64
N ASP D 13 -7.87 21.53 -14.72
CA ASP D 13 -6.44 21.33 -14.95
C ASP D 13 -6.03 19.85 -14.86
N PHE D 14 -6.82 18.99 -15.52
CA PHE D 14 -6.59 17.56 -15.52
C PHE D 14 -5.23 17.23 -16.17
N ASN D 15 -4.35 16.59 -15.40
CA ASN D 15 -3.03 16.24 -15.89
C ASN D 15 -3.08 14.84 -16.49
N LYS D 16 -3.25 14.76 -17.81
CA LYS D 16 -3.49 13.47 -18.45
C LYS D 16 -2.31 12.51 -18.26
N ASP D 17 -1.09 13.05 -18.29
CA ASP D 17 0.10 12.24 -18.15
C ASP D 17 0.13 11.50 -16.81
N ASN D 18 -0.14 12.22 -15.73
CA ASN D 18 -0.09 11.63 -14.39
C ASN D 18 -1.28 10.74 -14.08
N PHE D 19 -2.36 10.86 -14.86
CA PHE D 19 -3.54 10.03 -14.59
C PHE D 19 -3.54 8.70 -15.34
N PHE D 20 -3.45 8.74 -16.66
CA PHE D 20 -3.54 7.53 -17.49
C PHE D 20 -2.23 6.77 -17.56
N THR D 21 -1.94 6.08 -16.47
CA THR D 21 -0.71 5.32 -16.31
C THR D 21 -0.95 4.28 -15.20
N GLY D 22 -0.19 3.19 -15.21
CA GLY D 22 -0.34 2.18 -14.17
C GLY D 22 -1.71 1.52 -14.15
N SER D 23 -2.21 1.24 -12.94
CA SER D 23 -3.45 0.49 -12.82
C SER D 23 -4.33 1.05 -11.69
N TRP D 24 -5.59 0.60 -11.65
CA TRP D 24 -6.55 1.08 -10.64
C TRP D 24 -7.44 -0.06 -10.16
N TYR D 25 -7.94 0.07 -8.93
CA TYR D 25 -8.94 -0.86 -8.40
C TYR D 25 -10.24 -0.13 -8.12
N ILE D 26 -11.37 -0.77 -8.41
CA ILE D 26 -12.67 -0.17 -8.06
C ILE D 26 -13.10 -0.63 -6.67
N THR D 27 -13.01 0.26 -5.69
CA THR D 27 -13.19 -0.11 -4.29
C THR D 27 -14.64 -0.02 -3.83
N HIS D 28 -15.36 0.97 -4.36
CA HIS D 28 -16.76 1.15 -4.01
C HIS D 28 -17.52 1.64 -5.24
N TYR D 29 -18.82 1.36 -5.28
CA TYR D 29 -19.64 1.93 -6.33
C TYR D 29 -21.15 1.87 -6.08
N LYS D 30 -21.87 2.71 -6.81
CA LYS D 30 -23.32 2.67 -6.87
C LYS D 30 -23.72 2.48 -8.33
N LEU D 31 -24.48 1.42 -8.61
CA LEU D 31 -24.92 1.15 -9.97
C LEU D 31 -26.43 1.31 -10.07
N GLY D 32 -26.87 2.39 -10.72
CA GLY D 32 -28.29 2.66 -10.86
C GLY D 32 -28.96 2.90 -9.52
N ASP D 33 -30.28 3.00 -9.55
CA ASP D 33 -31.08 3.34 -8.36
C ASP D 33 -31.50 2.11 -7.56
N SER D 34 -31.74 1.00 -8.24
CA SER D 34 -32.24 -0.20 -7.59
C SER D 34 -31.21 -0.90 -6.71
N THR D 35 -31.70 -1.76 -5.83
CA THR D 35 -30.85 -2.56 -4.96
C THR D 35 -29.82 -3.30 -5.80
N LEU D 36 -28.63 -3.51 -5.25
CA LEU D 36 -27.56 -4.16 -6.00
C LEU D 36 -27.74 -5.67 -6.04
N GLU D 37 -27.80 -6.20 -7.25
CA GLU D 37 -27.99 -7.63 -7.48
C GLU D 37 -26.68 -8.39 -7.34
N VAL D 38 -26.76 -9.67 -6.97
CA VAL D 38 -25.60 -10.53 -6.80
C VAL D 38 -24.73 -10.61 -8.05
N GLY D 39 -25.38 -10.63 -9.21
CA GLY D 39 -24.68 -10.69 -10.48
C GLY D 39 -23.89 -9.43 -10.76
N ASP D 40 -24.14 -8.40 -9.95
CA ASP D 40 -23.51 -7.10 -10.15
C ASP D 40 -22.54 -6.68 -9.04
N LYS D 41 -22.24 -7.60 -8.13
CA LYS D 41 -21.20 -7.36 -7.12
C LYS D 41 -19.85 -7.91 -7.58
N ASN D 42 -19.00 -7.03 -8.10
CA ASN D 42 -17.75 -7.45 -8.72
C ASN D 42 -16.48 -6.80 -8.20
N CYS D 43 -15.37 -7.49 -8.42
CA CYS D 43 -14.04 -6.99 -8.17
C CYS D 43 -13.47 -6.60 -9.53
N THR D 44 -13.20 -5.31 -9.69
CA THR D 44 -12.63 -4.82 -10.92
C THR D 44 -11.25 -4.22 -10.73
N LYS D 45 -10.33 -4.59 -11.63
CA LYS D 45 -9.03 -3.97 -11.72
C LYS D 45 -8.86 -3.54 -13.15
N PHE D 46 -8.25 -2.38 -13.37
CA PHE D 46 -7.98 -1.96 -14.74
C PHE D 46 -6.61 -1.33 -15.00
N LEU D 47 -6.14 -1.46 -16.24
CA LEU D 47 -4.88 -0.87 -16.65
C LEU D 47 -5.17 0.21 -17.67
N HIS D 48 -4.45 1.32 -17.61
CA HIS D 48 -4.47 2.22 -18.76
C HIS D 48 -3.15 2.90 -19.15
N GLN D 49 -3.14 3.46 -20.35
CA GLN D 49 -1.95 4.02 -20.97
C GLN D 49 -2.34 5.15 -21.91
N LYS D 50 -1.44 6.11 -22.08
CA LYS D 50 -1.56 7.17 -23.05
C LYS D 50 -0.33 7.13 -23.96
N THR D 51 -0.55 7.24 -25.26
CA THR D 51 0.53 7.26 -26.22
C THR D 51 0.89 8.71 -26.55
N ALA D 52 2.04 8.91 -27.16
CA ALA D 52 2.51 10.24 -27.52
C ALA D 52 1.54 10.94 -28.49
N ASP D 53 0.82 10.13 -29.27
CA ASP D 53 -0.12 10.66 -30.26
C ASP D 53 -1.50 10.97 -29.67
N GLY D 54 -1.61 10.94 -28.35
CA GLY D 54 -2.83 11.36 -27.68
C GLY D 54 -3.96 10.36 -27.61
N LYS D 55 -3.64 9.07 -27.76
CA LYS D 55 -4.66 8.03 -27.66
C LYS D 55 -4.65 7.33 -26.30
N ILE D 56 -5.82 7.25 -25.68
CA ILE D 56 -6.00 6.62 -24.38
C ILE D 56 -6.61 5.23 -24.48
N LYS D 57 -6.12 4.29 -23.69
CA LYS D 57 -6.64 2.93 -23.69
C LYS D 57 -6.79 2.39 -22.28
N GLU D 58 -7.99 1.94 -21.94
CA GLU D 58 -8.27 1.45 -20.59
C GLU D 58 -8.89 0.07 -20.67
N VAL D 59 -8.20 -0.91 -20.10
CA VAL D 59 -8.63 -2.30 -20.11
C VAL D 59 -9.09 -2.76 -18.72
N PHE D 60 -10.33 -3.23 -18.65
CA PHE D 60 -10.95 -3.61 -17.39
C PHE D 60 -11.10 -5.12 -17.23
N SER D 61 -10.85 -5.58 -16.02
CA SER D 61 -11.08 -6.97 -15.64
C SER D 61 -12.14 -6.99 -14.53
N ASN D 62 -13.33 -7.47 -14.86
CA ASN D 62 -14.43 -7.51 -13.90
C ASN D 62 -14.70 -8.94 -13.47
N TYR D 63 -14.57 -9.23 -12.19
CA TYR D 63 -14.75 -10.59 -11.71
C TYR D 63 -15.91 -10.72 -10.74
N ASN D 64 -16.76 -11.72 -11.00
CA ASN D 64 -17.92 -11.99 -10.15
C ASN D 64 -17.72 -13.24 -9.31
N PRO D 65 -17.47 -13.05 -7.99
CA PRO D 65 -17.14 -14.17 -7.09
C PRO D 65 -18.28 -15.16 -6.93
N ASN D 66 -19.51 -14.68 -7.03
CA ASN D 66 -20.68 -15.55 -6.95
C ASN D 66 -20.66 -16.62 -8.03
N ALA D 67 -20.51 -16.17 -9.28
CA ALA D 67 -20.54 -17.07 -10.43
C ALA D 67 -19.15 -17.54 -10.81
N LYS D 68 -18.13 -16.95 -10.19
CA LYS D 68 -16.75 -17.30 -10.46
C LYS D 68 -16.36 -17.10 -11.94
N THR D 69 -16.90 -16.06 -12.56
CA THR D 69 -16.58 -15.77 -13.95
C THR D 69 -16.07 -14.34 -14.13
N TYR D 70 -15.33 -14.13 -15.22
CA TYR D 70 -14.84 -12.80 -15.55
C TYR D 70 -15.59 -12.23 -16.75
N SER D 71 -15.63 -10.90 -16.83
CA SER D 71 -15.99 -10.22 -18.07
C SER D 71 -14.95 -9.12 -18.32
N TYR D 72 -14.71 -8.82 -19.59
CA TYR D 72 -13.71 -7.84 -19.96
C TYR D 72 -14.28 -6.73 -20.83
N ASP D 73 -13.76 -5.51 -20.66
CA ASP D 73 -14.06 -4.43 -21.59
C ASP D 73 -12.89 -3.44 -21.72
N ILE D 74 -12.87 -2.71 -22.84
CA ILE D 74 -11.79 -1.77 -23.15
C ILE D 74 -12.38 -0.41 -23.55
N SER D 75 -11.89 0.67 -22.96
CA SER D 75 -12.30 2.01 -23.34
C SER D 75 -11.23 2.69 -24.19
N PHE D 76 -11.67 3.28 -25.30
CA PHE D 76 -10.79 3.95 -26.24
C PHE D 76 -11.17 5.42 -26.33
N ALA D 77 -10.18 6.28 -26.53
CA ALA D 77 -10.43 7.70 -26.59
C ALA D 77 -9.17 8.42 -27.03
N LYS D 78 -9.32 9.69 -27.39
CA LYS D 78 -8.20 10.55 -27.76
C LYS D 78 -8.38 11.89 -27.06
N VAL D 79 -7.34 12.72 -27.02
CA VAL D 79 -7.45 13.98 -26.29
C VAL D 79 -8.56 14.88 -26.83
N SER D 80 -8.90 14.74 -28.12
CA SER D 80 -9.98 15.55 -28.70
C SER D 80 -11.36 15.16 -28.16
N ASP D 81 -11.43 14.02 -27.46
CA ASP D 81 -12.67 13.59 -26.83
C ASP D 81 -12.88 14.25 -25.47
N PHE D 82 -11.84 14.96 -25.02
CA PHE D 82 -11.88 15.62 -23.71
C PHE D 82 -12.51 17.00 -23.79
N ASP D 83 -13.16 17.40 -22.70
CA ASP D 83 -13.72 18.73 -22.58
C ASP D 83 -12.64 19.72 -22.10
N GLY D 84 -11.90 20.30 -23.05
CA GLY D 84 -10.83 21.23 -22.72
C GLY D 84 -9.82 20.65 -21.74
N ASN D 85 -9.49 21.43 -20.72
CA ASN D 85 -8.47 21.05 -19.74
C ASN D 85 -9.06 20.32 -18.53
N ASN D 86 -10.34 19.96 -18.62
CA ASN D 86 -11.05 19.32 -17.52
C ASN D 86 -10.99 17.79 -17.57
N GLY D 87 -11.26 17.17 -16.42
CA GLY D 87 -11.32 15.72 -16.33
C GLY D 87 -12.66 15.21 -16.81
N LYS D 88 -12.97 15.49 -18.07
CA LYS D 88 -14.23 15.03 -18.65
C LYS D 88 -14.00 14.60 -20.09
N TYR D 89 -14.46 13.41 -20.44
CA TYR D 89 -14.32 12.97 -21.82
C TYR D 89 -15.35 11.91 -22.20
N THR D 90 -15.46 11.67 -23.49
CA THR D 90 -16.36 10.66 -24.01
C THR D 90 -15.51 9.55 -24.59
N ALA D 91 -15.85 8.31 -24.25
CA ALA D 91 -15.07 7.17 -24.75
C ALA D 91 -15.93 6.09 -25.41
N LYS D 92 -15.33 5.37 -26.35
CA LYS D 92 -15.95 4.17 -26.91
C LYS D 92 -15.53 2.98 -26.07
N ASN D 93 -16.52 2.25 -25.55
CA ASN D 93 -16.23 1.11 -24.70
C ASN D 93 -16.68 -0.18 -25.36
N VAL D 94 -15.76 -1.12 -25.49
CA VAL D 94 -16.02 -2.37 -26.19
C VAL D 94 -15.93 -3.56 -25.23
N ILE D 95 -17.00 -4.33 -25.14
CA ILE D 95 -17.00 -5.56 -24.36
C ILE D 95 -16.36 -6.68 -25.20
N VAL D 96 -15.29 -7.28 -24.68
CA VAL D 96 -14.53 -8.27 -25.43
C VAL D 96 -14.32 -9.57 -24.65
N GLU D 97 -14.09 -10.66 -25.39
CA GLU D 97 -13.69 -11.91 -24.77
C GLU D 97 -12.19 -11.84 -24.54
N LYS D 98 -11.67 -12.88 -23.91
CA LYS D 98 -10.24 -13.00 -23.63
C LYS D 98 -9.33 -12.78 -24.85
N ASP D 99 -9.75 -13.26 -26.03
CA ASP D 99 -8.90 -13.11 -27.22
C ASP D 99 -9.08 -11.75 -27.92
N GLY D 100 -9.97 -10.93 -27.39
CA GLY D 100 -10.26 -9.64 -27.99
C GLY D 100 -11.51 -9.61 -28.89
N ARG D 101 -12.18 -10.74 -29.07
CA ARG D 101 -13.38 -10.75 -29.91
C ARG D 101 -14.47 -9.83 -29.36
N LYS D 102 -15.03 -8.99 -30.22
CA LYS D 102 -16.03 -8.03 -29.80
C LYS D 102 -17.37 -8.70 -29.47
N ILE D 103 -17.88 -8.44 -28.28
CA ILE D 103 -19.20 -8.93 -27.89
C ILE D 103 -20.24 -7.85 -28.09
N ASP D 104 -19.87 -6.61 -27.76
CA ASP D 104 -20.79 -5.49 -27.83
C ASP D 104 -20.01 -4.18 -27.70
N GLU D 105 -20.60 -3.07 -28.11
CA GLU D 105 -19.97 -1.76 -27.92
C GLU D 105 -20.97 -0.68 -27.47
N ARG D 106 -20.43 0.40 -26.92
CA ARG D 106 -21.24 1.49 -26.39
C ARG D 106 -20.38 2.72 -26.17
N THR D 107 -21.04 3.87 -26.10
CA THR D 107 -20.40 5.14 -25.80
C THR D 107 -20.59 5.44 -24.31
N LEU D 108 -19.52 5.86 -23.63
CA LEU D 108 -19.62 6.21 -22.22
C LEU D 108 -19.18 7.64 -21.98
N GLN D 109 -19.98 8.38 -21.21
CA GLN D 109 -19.62 9.72 -20.80
C GLN D 109 -18.96 9.63 -19.43
N VAL D 110 -17.67 9.99 -19.37
CA VAL D 110 -16.88 9.85 -18.14
C VAL D 110 -16.62 11.22 -17.50
N SER D 111 -16.88 11.32 -16.21
CA SER D 111 -16.73 12.58 -15.48
C SER D 111 -15.99 12.36 -14.15
N TYR D 112 -14.76 12.85 -14.06
CA TYR D 112 -13.98 12.70 -12.82
C TYR D 112 -14.27 13.82 -11.82
N ILE D 113 -14.93 13.46 -10.73
CA ILE D 113 -15.30 14.43 -9.71
C ILE D 113 -14.07 14.90 -8.95
N ASP D 114 -13.13 14.00 -8.74
CA ASP D 114 -11.92 14.32 -7.99
C ASP D 114 -10.84 13.25 -8.14
N THR D 115 -9.58 13.64 -7.91
CA THR D 115 -8.47 12.70 -7.90
C THR D 115 -7.20 13.37 -7.41
N ASP D 116 -6.30 12.58 -6.84
CA ASP D 116 -4.96 13.09 -6.54
C ASP D 116 -3.94 12.31 -7.39
N TYR D 117 -4.42 11.61 -8.41
CA TYR D 117 -3.58 10.89 -9.38
C TYR D 117 -2.84 9.66 -8.84
N SER D 118 -2.23 9.79 -7.68
CA SER D 118 -1.34 8.75 -7.20
C SER D 118 -1.94 7.86 -6.11
N LYS D 119 -3.17 8.14 -5.70
CA LYS D 119 -3.85 7.32 -4.68
C LYS D 119 -5.31 7.01 -4.99
N TYR D 120 -6.10 8.03 -5.30
CA TYR D 120 -7.53 7.82 -5.46
C TYR D 120 -8.16 8.61 -6.62
N SER D 121 -9.36 8.19 -7.00
CA SER D 121 -10.20 8.95 -7.92
C SER D 121 -11.67 8.63 -7.67
N VAL D 122 -12.53 9.58 -7.98
CA VAL D 122 -13.97 9.40 -7.83
C VAL D 122 -14.64 9.77 -9.16
N VAL D 123 -15.41 8.84 -9.73
CA VAL D 123 -15.88 8.99 -11.10
C VAL D 123 -17.38 8.76 -11.26
N HIS D 124 -17.94 9.40 -12.27
CA HIS D 124 -19.30 9.13 -12.71
C HIS D 124 -19.28 8.69 -14.18
N VAL D 125 -19.88 7.54 -14.46
CA VAL D 125 -19.85 6.96 -15.79
C VAL D 125 -21.27 6.70 -16.27
N CYS D 126 -21.61 7.26 -17.43
CA CYS D 126 -22.97 7.16 -17.94
C CYS D 126 -23.02 6.86 -19.44
N ASP D 127 -23.92 5.95 -19.80
CA ASP D 127 -24.14 5.56 -21.18
C ASP D 127 -25.49 6.08 -21.64
N PRO D 128 -25.48 7.11 -22.49
CA PRO D 128 -26.72 7.75 -23.01
C PRO D 128 -27.73 6.74 -23.58
N ALA D 129 -27.24 5.61 -24.09
CA ALA D 129 -28.12 4.57 -24.61
C ALA D 129 -28.73 3.73 -23.49
N ALA D 130 -28.30 3.97 -22.25
CA ALA D 130 -28.79 3.21 -21.11
C ALA D 130 -28.63 3.97 -19.79
N PRO D 131 -29.24 5.15 -19.69
CA PRO D 131 -29.08 6.03 -18.53
C PRO D 131 -29.56 5.40 -17.21
N ASP D 132 -30.29 4.30 -17.28
CA ASP D 132 -30.79 3.64 -16.08
C ASP D 132 -29.66 2.91 -15.35
N TYR D 133 -28.51 2.80 -16.01
CA TYR D 133 -27.37 2.06 -15.45
C TYR D 133 -26.15 2.93 -15.17
N TYR D 134 -26.39 4.17 -14.73
CA TYR D 134 -25.30 5.07 -14.41
C TYR D 134 -24.43 4.49 -13.29
N LEU D 135 -23.18 4.93 -13.25
CA LEU D 135 -22.24 4.43 -12.25
C LEU D 135 -21.55 5.57 -11.50
N TYR D 136 -21.57 5.49 -10.18
CA TYR D 136 -20.72 6.31 -9.35
C TYR D 136 -19.70 5.36 -8.74
N ALA D 137 -18.42 5.65 -8.90
CA ALA D 137 -17.39 4.73 -8.47
C ALA D 137 -16.25 5.40 -7.73
N VAL D 138 -15.74 4.70 -6.71
CA VAL D 138 -14.53 5.10 -6.03
C VAL D 138 -13.41 4.16 -6.49
N GLN D 139 -12.31 4.75 -6.95
CA GLN D 139 -11.21 3.98 -7.51
C GLN D 139 -9.91 4.32 -6.79
N SER D 140 -9.01 3.34 -6.70
CA SER D 140 -7.81 3.49 -5.87
C SER D 140 -6.61 2.84 -6.55
N ARG D 141 -5.42 3.38 -6.30
CA ARG D 141 -4.21 2.76 -6.79
C ARG D 141 -3.89 1.48 -6.04
N THR D 142 -4.56 1.24 -4.92
CA THR D 142 -4.40 -0.02 -4.19
C THR D 142 -5.77 -0.65 -3.94
N GLU D 143 -5.76 -1.87 -3.38
CA GLU D 143 -7.00 -2.62 -3.17
C GLU D 143 -7.95 -1.93 -2.21
N ASN D 144 -7.38 -1.27 -1.22
CA ASN D 144 -8.16 -0.49 -0.28
C ASN D 144 -7.98 0.98 -0.55
N VAL D 145 -9.02 1.77 -0.28
CA VAL D 145 -8.87 3.20 -0.19
C VAL D 145 -7.94 3.49 0.99
N LYS D 146 -6.82 4.16 0.72
CA LYS D 146 -5.83 4.48 1.75
C LYS D 146 -6.43 5.39 2.83
N GLU D 147 -6.25 4.99 4.08
CA GLU D 147 -6.76 5.74 5.22
C GLU D 147 -6.61 7.27 5.12
N ASP D 148 -5.45 7.73 4.68
CA ASP D 148 -5.17 9.17 4.71
C ASP D 148 -5.82 10.00 3.59
N VAL D 149 -6.51 9.33 2.66
CA VAL D 149 -7.30 10.07 1.66
C VAL D 149 -8.80 9.79 1.79
N LYS D 150 -9.16 8.94 2.75
CA LYS D 150 -10.54 8.61 3.00
C LYS D 150 -11.36 9.88 3.23
N SER D 151 -10.78 10.88 3.88
CA SER D 151 -11.49 12.15 4.08
C SER D 151 -11.66 12.94 2.79
N LYS D 152 -10.68 12.86 1.89
CA LYS D 152 -10.82 13.50 0.59
C LYS D 152 -11.84 12.77 -0.29
N VAL D 153 -11.95 11.46 -0.10
CA VAL D 153 -12.91 10.67 -0.85
C VAL D 153 -14.31 11.01 -0.40
N GLU D 154 -14.53 10.99 0.90
CA GLU D 154 -15.81 11.40 1.48
C GLU D 154 -16.26 12.76 0.94
N ALA D 155 -15.36 13.73 0.95
CA ALA D 155 -15.69 15.06 0.45
C ALA D 155 -16.13 14.98 -1.01
N ALA D 156 -15.39 14.22 -1.81
CA ALA D 156 -15.69 14.09 -3.23
C ALA D 156 -17.10 13.55 -3.47
N LEU D 157 -17.47 12.48 -2.77
CA LEU D 157 -18.81 11.91 -2.89
C LEU D 157 -19.87 12.87 -2.37
N GLY D 158 -19.47 13.75 -1.45
CA GLY D 158 -20.37 14.76 -0.93
C GLY D 158 -20.82 15.72 -2.01
N LYS D 159 -19.90 16.08 -2.90
CA LYS D 159 -20.20 17.01 -3.99
C LYS D 159 -21.33 16.48 -4.88
N VAL D 160 -21.57 15.18 -4.84
CA VAL D 160 -22.62 14.56 -5.66
C VAL D 160 -23.72 13.92 -4.81
N GLY D 161 -23.77 14.30 -3.54
CA GLY D 161 -24.81 13.87 -2.63
C GLY D 161 -24.73 12.42 -2.20
N LEU D 162 -23.51 11.91 -2.04
CA LEU D 162 -23.31 10.53 -1.64
C LEU D 162 -22.35 10.44 -0.47
N LYS D 163 -22.25 9.26 0.13
CA LYS D 163 -21.26 9.00 1.17
C LYS D 163 -20.66 7.60 1.00
N LEU D 164 -19.47 7.40 1.54
CA LEU D 164 -18.72 6.17 1.36
C LEU D 164 -19.47 4.91 1.79
N SER D 165 -20.16 4.99 2.92
CA SER D 165 -20.85 3.84 3.49
C SER D 165 -22.24 3.62 2.87
N GLY D 166 -22.64 4.53 1.98
CA GLY D 166 -23.83 4.31 1.18
C GLY D 166 -23.56 3.46 -0.06
N LEU D 167 -22.30 3.47 -0.50
CA LEU D 167 -21.92 2.69 -1.69
C LEU D 167 -21.68 1.23 -1.34
N PHE D 168 -21.52 0.39 -2.36
CA PHE D 168 -21.17 -1.00 -2.11
C PHE D 168 -19.65 -1.16 -1.93
N ASP D 169 -19.25 -1.89 -0.89
CA ASP D 169 -17.85 -2.07 -0.55
C ASP D 169 -17.28 -3.39 -1.06
N ALA D 170 -16.46 -3.32 -2.11
CA ALA D 170 -15.87 -4.52 -2.71
C ALA D 170 -15.03 -5.27 -1.69
N THR D 171 -14.58 -4.55 -0.67
CA THR D 171 -13.86 -5.14 0.44
C THR D 171 -14.71 -6.18 1.18
N THR D 172 -16.03 -6.09 1.06
CA THR D 172 -16.92 -7.05 1.73
C THR D 172 -16.98 -8.39 1.01
N LEU D 173 -16.31 -8.47 -0.15
CA LEU D 173 -16.16 -9.74 -0.85
C LEU D 173 -14.97 -10.50 -0.29
N GLY D 174 -14.29 -9.87 0.67
CA GLY D 174 -13.19 -10.52 1.39
C GLY D 174 -12.12 -11.10 0.49
N ASN D 175 -11.74 -12.34 0.76
CA ASN D 175 -10.68 -12.99 -0.01
C ASN D 175 -11.19 -13.66 -1.28
N LYS D 176 -12.43 -13.36 -1.65
CA LYS D 176 -13.05 -14.02 -2.80
C LYS D 176 -12.77 -13.28 -4.12
N CYS D 177 -12.18 -12.08 -4.04
CA CYS D 177 -11.78 -11.33 -5.23
C CYS D 177 -10.65 -11.97 -6.03
N GLN D 178 -10.87 -12.10 -7.34
CA GLN D 178 -9.81 -12.54 -8.24
C GLN D 178 -9.64 -11.52 -9.35
N TYR D 179 -8.42 -11.42 -9.85
CA TYR D 179 -8.11 -10.49 -10.92
C TYR D 179 -7.33 -11.23 -11.99
N ASP D 180 -7.64 -10.94 -13.25
CA ASP D 180 -6.95 -11.58 -14.37
C ASP D 180 -5.90 -10.65 -14.97
N ASP D 181 -4.72 -10.59 -14.35
CA ASP D 181 -3.63 -9.78 -14.89
C ASP D 181 -3.12 -10.25 -16.26
N GLU D 182 -3.10 -11.56 -16.52
CA GLU D 182 -2.64 -12.06 -17.82
C GLU D 182 -3.48 -11.46 -18.97
N THR D 183 -4.80 -11.55 -18.84
CA THR D 183 -5.68 -11.03 -19.87
C THR D 183 -5.59 -9.50 -19.95
N LEU D 184 -5.51 -8.83 -18.80
CA LEU D 184 -5.35 -7.37 -18.78
C LEU D 184 -4.14 -6.94 -19.60
N GLN D 185 -3.00 -7.58 -19.37
CA GLN D 185 -1.78 -7.29 -20.12
C GLN D 185 -1.90 -7.68 -21.60
N LYS D 186 -2.56 -8.80 -21.88
CA LYS D 186 -2.74 -9.26 -23.28
C LYS D 186 -3.55 -8.27 -24.10
N LEU D 187 -4.69 -7.88 -23.56
CA LEU D 187 -5.58 -6.93 -24.23
C LEU D 187 -4.92 -5.57 -24.35
N LEU D 188 -4.19 -5.17 -23.32
CA LEU D 188 -3.54 -3.86 -23.36
C LEU D 188 -2.55 -3.78 -24.52
N LYS D 189 -1.92 -4.92 -24.81
CA LYS D 189 -0.86 -4.96 -25.80
C LYS D 189 -1.41 -5.24 -27.21
N GLN D 190 -2.54 -5.95 -27.26
CA GLN D 190 -3.17 -6.33 -28.52
C GLN D 190 -3.62 -5.10 -29.32
N SER D 191 -3.52 -5.15 -30.64
CA SER D 191 -3.98 -4.04 -31.45
C SER D 191 -5.45 -4.17 -31.84
N PHE D 192 -6.20 -3.07 -31.66
CA PHE D 192 -7.58 -2.95 -32.17
C PHE D 192 -7.64 -1.81 -33.19
N PRO D 193 -7.31 -2.12 -34.45
CA PRO D 193 -7.16 -1.12 -35.51
C PRO D 193 -8.40 -0.26 -35.70
N ASN D 194 -9.58 -0.84 -35.50
CA ASN D 194 -10.80 -0.08 -35.62
C ASN D 194 -10.88 1.07 -34.63
N TYR D 195 -10.22 0.90 -33.48
CA TYR D 195 -10.38 1.83 -32.36
C TYR D 195 -9.16 2.66 -32.01
N GLU D 196 -7.99 2.20 -32.45
CA GLU D 196 -6.76 2.90 -32.12
C GLU D 196 -6.13 3.41 -33.40
N LYS D 197 -6.81 4.40 -33.99
CA LYS D 197 -6.38 5.04 -35.23
C LYS D 197 -7.33 4.71 -36.37
#